data_8ZOX
#
_entry.id   8ZOX
#
_cell.length_a   1.00
_cell.length_b   1.00
_cell.length_c   1.00
_cell.angle_alpha   90.00
_cell.angle_beta   90.00
_cell.angle_gamma   90.00
#
_symmetry.space_group_name_H-M   'P 1'
#
loop_
_entity.id
_entity.type
_entity.pdbx_description
1 polymer 'T-cell surface glycoprotein CD1b'
2 polymer Beta-2-microglobulin
3 polymer 'Y-50 TCR alpha'
4 polymer 'Y-50 TCR beta'
5 non-polymer 'TETRACOSYL PALMITATE'
6 non-polymer 2-acetamido-2-deoxy-beta-D-glucopyranose
7 non-polymer alpha-D-glucopyranose
8 non-polymer '[(2R,3S,4S,5R,6S)-3,4,5,6-tetrakis(oxidanyl)oxan-2-yl]methyl (2R,3R)-3-oxidanyl-2-tetradecyl-octadecanoate'
#
loop_
_entity_poly.entity_id
_entity_poly.type
_entity_poly.pdbx_seq_one_letter_code
_entity_poly.pdbx_strand_id
1 'polypeptide(L)'
;MASEHAFQGPTSFHVIQTSSFTNSTWAQTQGSGWLDDLQIHGWDSDSGTAIFLKPWSKGNFSDKEVAELEEIFRVYIFGF
AREVQDFAGDFQMKYPFEIQGIAGCELHSGGAIVSFLRGALGGLDFLSVKNASCVPSPEGGSRAQKFCALIIQYQGIMET
VRILLYETCPRYLLGVLNAGKADLQRQVKPEAWLSSGPSPGPGRLQLVCHVSGFYPKPVWVMWMRGEQEQQGTQLGDILP
NANWTWYLRATLDVADGEAAGLSCRVKHSSLEGQDIILYW
;
A
2 'polypeptide(L)'
;MIQRTPKIQVYSRHPAENGKSNFLNCYVSGFHPSDIEVDLLKNGERIEKVEHSDLSFSKDWSFYLLYYTEFTPTEKDEYA
CRVNHVTLSQPKIVKWDRDM
;
B
3 'polypeptide(L)'
;AQKITQTQPGMFVQEKEAVTLDCTYDTSDQSYGLFWYKQPSSGEMIFLIYQGSYDEQNATEGRYSLNFQKARKSANLVIS
ASQLGDSAMYFCAMRRNTGRRALTFGSGTRLQVQPNIQNPDPAVYQLRDSKSSDKFVCLFTDFDSQINVSQSKDSDVYIT
DKCVLDMRSMDFKSNSAVAWSNKSDFTCANAFNNSIIPEDTFFPS
;
D
4 'polypeptide(L)'
;DTEVTQTPKHLVMGMTNKKSLKCEQHMGHRAMYWYKQKAKKPPELMFVYSYEKLSINESVPSRFSPECPNSSLLNLHLHA
LQPEDSALYLCASSHLGLAGGIDGTDTQYFGPGTRLTVLEDLKNVFPPEVAVFEPSKAEISRTQKATLVCLATGFYPPHV
ELSWWVNGKEVHDGVCTDPQPLKEQPALNDSRYALSSRLRVSATFWQDPRNHFRCQVQFYGLSENDEWTQDRAKPVTQIV
SAEAWGRAD
;
E
#
# COMPACT_ATOMS: atom_id res chain seq x y z
N PRO A 10 -27.85 -20.97 -6.93
CA PRO A 10 -28.11 -20.38 -8.25
C PRO A 10 -27.22 -19.19 -8.55
N THR A 11 -26.17 -19.40 -9.33
CA THR A 11 -25.23 -18.37 -9.75
C THR A 11 -24.68 -17.63 -8.53
N SER A 12 -23.96 -18.38 -7.70
CA SER A 12 -23.42 -17.88 -6.44
C SER A 12 -21.92 -17.64 -6.62
N PHE A 13 -21.55 -16.39 -6.87
CA PHE A 13 -20.14 -16.07 -7.05
C PHE A 13 -19.44 -16.05 -5.71
N HIS A 14 -18.36 -16.83 -5.59
CA HIS A 14 -17.68 -16.94 -4.30
C HIS A 14 -16.19 -17.11 -4.51
N VAL A 15 -15.41 -16.51 -3.63
CA VAL A 15 -13.98 -16.73 -3.59
C VAL A 15 -13.69 -17.74 -2.48
N ILE A 16 -12.66 -18.56 -2.70
CA ILE A 16 -12.27 -19.59 -1.76
C ILE A 16 -10.78 -19.48 -1.51
N GLN A 17 -10.38 -19.91 -0.31
CA GLN A 17 -9.02 -19.86 0.16
C GLN A 17 -8.70 -21.13 0.93
N THR A 18 -7.53 -21.70 0.68
CA THR A 18 -7.04 -22.87 1.40
C THR A 18 -5.63 -22.58 1.89
N SER A 19 -5.42 -22.66 3.19
CA SER A 19 -4.11 -22.45 3.79
C SER A 19 -3.69 -23.72 4.51
N SER A 20 -2.45 -24.15 4.29
CA SER A 20 -1.90 -25.33 4.93
C SER A 20 -0.68 -24.92 5.73
N PHE A 21 -0.72 -25.18 7.04
CA PHE A 21 0.37 -24.84 7.93
C PHE A 21 1.10 -26.12 8.31
N THR A 22 2.39 -26.18 7.97
CA THR A 22 3.18 -27.37 8.28
C THR A 22 3.93 -27.20 9.60
N ASN A 23 4.78 -26.18 9.68
CA ASN A 23 5.54 -25.92 10.90
C ASN A 23 5.36 -24.49 11.35
N SER A 24 6.15 -24.07 12.35
CA SER A 24 6.00 -22.72 12.90
C SER A 24 6.39 -21.63 11.93
N THR A 25 7.03 -21.97 10.81
CA THR A 25 7.41 -20.96 9.83
C THR A 25 7.15 -21.39 8.40
N TRP A 26 6.37 -22.45 8.17
CA TRP A 26 6.07 -22.92 6.82
C TRP A 26 4.57 -22.99 6.63
N ALA A 27 4.07 -22.26 5.65
CA ALA A 27 2.64 -22.23 5.38
C ALA A 27 2.42 -21.83 3.92
N GLN A 28 1.49 -22.50 3.27
CA GLN A 28 1.12 -22.20 1.90
C GLN A 28 -0.32 -21.74 1.84
N THR A 29 -0.62 -20.89 0.86
CA THR A 29 -1.96 -20.34 0.71
C THR A 29 -2.33 -20.29 -0.76
N GLN A 30 -3.50 -20.82 -1.10
CA GLN A 30 -4.03 -20.77 -2.45
C GLN A 30 -5.43 -20.16 -2.41
N GLY A 31 -5.78 -19.47 -3.49
CA GLY A 31 -7.08 -18.83 -3.56
C GLY A 31 -7.59 -18.78 -4.98
N SER A 32 -8.91 -18.68 -5.10
CA SER A 32 -9.50 -18.61 -6.44
C SER A 32 -10.95 -18.17 -6.33
N GLY A 33 -11.40 -17.44 -7.34
CA GLY A 33 -12.77 -16.93 -7.38
C GLY A 33 -13.56 -17.63 -8.48
N TRP A 34 -14.70 -18.19 -8.10
CA TRP A 34 -15.52 -19.00 -8.97
C TRP A 34 -16.90 -18.36 -9.16
N LEU A 35 -17.46 -18.53 -10.35
CA LEU A 35 -18.79 -18.01 -10.62
C LEU A 35 -19.85 -18.95 -10.08
N ASP A 36 -19.95 -20.15 -10.65
CA ASP A 36 -20.70 -21.24 -10.04
C ASP A 36 -19.81 -22.44 -9.79
N ASP A 37 -19.20 -22.98 -10.83
CA ASP A 37 -18.06 -23.88 -10.71
C ASP A 37 -17.03 -23.64 -11.78
N LEU A 38 -17.22 -22.62 -12.63
CA LEU A 38 -16.23 -22.22 -13.61
C LEU A 38 -15.28 -21.23 -12.97
N GLN A 39 -14.01 -21.61 -12.87
CA GLN A 39 -13.03 -20.71 -12.28
C GLN A 39 -12.91 -19.45 -13.10
N ILE A 40 -13.09 -18.31 -12.45
CA ILE A 40 -12.99 -17.01 -13.09
C ILE A 40 -11.67 -16.33 -12.75
N HIS A 41 -11.34 -16.25 -11.46
CA HIS A 41 -10.12 -15.60 -11.01
C HIS A 41 -9.18 -16.64 -10.45
N GLY A 42 -7.97 -16.69 -10.99
CA GLY A 42 -6.88 -17.41 -10.36
C GLY A 42 -6.04 -16.44 -9.56
N TRP A 43 -5.23 -16.96 -8.65
CA TRP A 43 -4.43 -16.13 -7.78
C TRP A 43 -3.01 -16.64 -7.74
N ASP A 44 -2.06 -15.84 -8.23
CA ASP A 44 -0.65 -16.13 -8.08
C ASP A 44 -0.20 -15.55 -6.75
N SER A 45 -0.14 -16.42 -5.74
CA SER A 45 0.19 -15.96 -4.39
C SER A 45 1.67 -15.64 -4.23
N ASP A 46 2.52 -16.07 -5.17
CA ASP A 46 3.93 -15.71 -5.13
C ASP A 46 4.09 -14.20 -5.25
N SER A 47 3.67 -13.64 -6.37
CA SER A 47 3.70 -12.19 -6.57
C SER A 47 2.45 -11.51 -6.05
N GLY A 48 1.47 -12.27 -5.55
CA GLY A 48 0.25 -11.68 -5.02
C GLY A 48 -0.56 -10.96 -6.06
N THR A 49 -0.76 -11.59 -7.22
CA THR A 49 -1.50 -10.98 -8.31
C THR A 49 -2.70 -11.84 -8.68
N ALA A 50 -3.66 -11.23 -9.36
CA ALA A 50 -4.87 -11.90 -9.78
C ALA A 50 -4.86 -12.10 -11.28
N ILE A 51 -5.18 -13.31 -11.72
CA ILE A 51 -5.26 -13.67 -13.13
C ILE A 51 -6.74 -13.78 -13.50
N PHE A 52 -7.14 -13.04 -14.51
CA PHE A 52 -8.53 -13.04 -14.97
C PHE A 52 -8.64 -14.01 -16.13
N LEU A 53 -9.28 -15.15 -15.88
CA LEU A 53 -9.28 -16.25 -16.85
C LEU A 53 -10.33 -16.10 -17.93
N LYS A 54 -11.19 -15.09 -17.86
CA LYS A 54 -12.19 -14.88 -18.88
C LYS A 54 -12.20 -13.43 -19.31
N PRO A 55 -12.60 -13.14 -20.55
CA PRO A 55 -12.67 -11.74 -20.98
C PRO A 55 -13.60 -10.89 -20.13
N TRP A 56 -14.67 -11.47 -19.60
CA TRP A 56 -15.65 -10.75 -18.81
C TRP A 56 -15.45 -10.95 -17.31
N SER A 57 -14.25 -11.32 -16.89
CA SER A 57 -14.01 -11.54 -15.46
C SER A 57 -14.16 -10.28 -14.64
N LYS A 58 -14.00 -9.11 -15.25
CA LYS A 58 -14.08 -7.85 -14.51
C LYS A 58 -15.50 -7.35 -14.33
N GLY A 59 -16.47 -7.94 -15.02
CA GLY A 59 -17.83 -7.42 -14.93
C GLY A 59 -17.90 -6.02 -15.47
N ASN A 60 -18.71 -5.19 -14.83
CA ASN A 60 -18.79 -3.77 -15.17
C ASN A 60 -17.89 -2.91 -14.28
N PHE A 61 -17.11 -3.54 -13.41
CA PHE A 61 -16.24 -2.79 -12.51
C PHE A 61 -15.17 -2.04 -13.30
N SER A 62 -14.83 -0.84 -12.83
CA SER A 62 -13.71 -0.13 -13.40
C SER A 62 -12.40 -0.80 -13.01
N ASP A 63 -11.35 -0.52 -13.78
CA ASP A 63 -10.05 -1.10 -13.47
C ASP A 63 -9.50 -0.58 -12.15
N LYS A 64 -9.88 0.64 -11.75
CA LYS A 64 -9.35 1.20 -10.51
C LYS A 64 -9.86 0.45 -9.29
N GLU A 65 -11.18 0.21 -9.21
CA GLU A 65 -11.69 -0.56 -8.10
C GLU A 65 -11.24 -2.02 -8.18
N VAL A 66 -10.99 -2.51 -9.39
CA VAL A 66 -10.41 -3.85 -9.52
C VAL A 66 -9.03 -3.89 -8.89
N ALA A 67 -8.22 -2.86 -9.13
CA ALA A 67 -6.90 -2.80 -8.49
C ALA A 67 -7.02 -2.67 -6.98
N GLU A 68 -8.00 -1.90 -6.51
CA GLU A 68 -8.20 -1.76 -5.07
C GLU A 68 -8.54 -3.10 -4.44
N LEU A 69 -9.47 -3.84 -5.04
CA LEU A 69 -9.84 -5.15 -4.52
C LEU A 69 -8.66 -6.11 -4.56
N GLU A 70 -7.89 -6.07 -5.65
CA GLU A 70 -6.73 -6.94 -5.77
C GLU A 70 -5.72 -6.65 -4.67
N GLU A 71 -5.49 -5.37 -4.37
CA GLU A 71 -4.53 -5.05 -3.33
C GLU A 71 -5.04 -5.45 -1.94
N ILE A 72 -6.35 -5.31 -1.70
CA ILE A 72 -6.89 -5.74 -0.42
C ILE A 72 -6.68 -7.24 -0.24
N PHE A 73 -7.00 -8.01 -1.28
CA PHE A 73 -6.83 -9.45 -1.19
C PHE A 73 -5.35 -9.82 -1.07
N ARG A 74 -4.47 -9.08 -1.75
CA ARG A 74 -3.05 -9.36 -1.64
C ARG A 74 -2.54 -9.17 -0.23
N VAL A 75 -2.92 -8.06 0.40
CA VAL A 75 -2.48 -7.81 1.78
C VAL A 75 -3.04 -8.89 2.70
N TYR A 76 -4.31 -9.24 2.53
CA TYR A 76 -4.90 -10.27 3.38
C TYR A 76 -4.20 -11.61 3.22
N ILE A 77 -3.89 -11.98 1.98
CA ILE A 77 -3.20 -13.25 1.73
C ILE A 77 -1.82 -13.24 2.35
N PHE A 78 -1.11 -12.11 2.22
CA PHE A 78 0.23 -12.02 2.82
C PHE A 78 0.16 -12.17 4.33
N GLY A 79 -0.83 -11.56 4.96
CA GLY A 79 -0.85 -11.52 6.42
C GLY A 79 -1.54 -12.66 7.14
N PHE A 80 -2.40 -13.40 6.45
CA PHE A 80 -3.19 -14.40 7.15
C PHE A 80 -2.32 -15.47 7.78
N ALA A 81 -1.35 -15.98 7.03
CA ALA A 81 -0.49 -17.04 7.56
C ALA A 81 0.27 -16.55 8.78
N ARG A 82 0.84 -15.35 8.70
CA ARG A 82 1.62 -14.83 9.82
C ARG A 82 0.76 -14.65 11.06
N GLU A 83 -0.45 -14.10 10.90
CA GLU A 83 -1.30 -13.90 12.07
C GLU A 83 -1.73 -15.22 12.67
N VAL A 84 -2.07 -16.21 11.84
CA VAL A 84 -2.46 -17.51 12.36
C VAL A 84 -1.30 -18.14 13.11
N GLN A 85 -0.08 -18.02 12.57
CA GLN A 85 1.08 -18.56 13.27
C GLN A 85 1.29 -17.85 14.60
N ASP A 86 1.07 -16.54 14.63
CA ASP A 86 1.21 -15.80 15.89
C ASP A 86 0.24 -16.30 16.94
N PHE A 87 -1.02 -16.50 16.56
CA PHE A 87 -2.04 -16.83 17.55
C PHE A 87 -2.18 -18.33 17.81
N ALA A 88 -1.50 -19.17 17.04
CA ALA A 88 -1.61 -20.61 17.25
C ALA A 88 -1.12 -21.04 18.63
N GLY A 89 -0.17 -20.31 19.20
CA GLY A 89 0.29 -20.63 20.53
C GLY A 89 -0.81 -20.51 21.57
N ASP A 90 -1.56 -19.40 21.52
CA ASP A 90 -2.69 -19.23 22.43
C ASP A 90 -3.80 -20.21 22.11
N PHE A 91 -4.09 -20.42 20.83
CA PHE A 91 -5.22 -21.27 20.47
C PHE A 91 -4.89 -22.76 20.56
N GLN A 92 -3.64 -23.12 20.84
CA GLN A 92 -3.22 -24.52 20.97
C GLN A 92 -3.48 -25.30 19.69
N MET A 93 -3.15 -24.71 18.55
CA MET A 93 -3.13 -25.45 17.30
C MET A 93 -2.07 -26.55 17.37
N LYS A 94 -2.36 -27.66 16.72
CA LYS A 94 -1.42 -28.76 16.60
C LYS A 94 -1.00 -28.89 15.14
N TYR A 95 0.29 -28.83 14.90
CA TYR A 95 0.76 -28.83 13.52
C TYR A 95 0.87 -30.26 13.01
N PRO A 96 0.66 -30.48 11.70
CA PRO A 96 0.23 -29.52 10.68
C PRO A 96 -1.28 -29.39 10.69
N PHE A 97 -1.85 -28.36 10.06
CA PHE A 97 -3.30 -28.25 9.98
C PHE A 97 -3.68 -27.47 8.74
N GLU A 98 -4.98 -27.35 8.51
CA GLU A 98 -5.49 -26.70 7.30
C GLU A 98 -6.66 -25.81 7.66
N ILE A 99 -6.72 -24.65 7.02
CA ILE A 99 -7.78 -23.67 7.23
C ILE A 99 -8.39 -23.34 5.88
N GLN A 100 -9.68 -23.56 5.76
CA GLN A 100 -10.39 -23.28 4.51
C GLN A 100 -11.41 -22.17 4.75
N GLY A 101 -11.63 -21.37 3.73
CA GLY A 101 -12.61 -20.31 3.81
C GLY A 101 -13.29 -20.10 2.47
N ILE A 102 -14.55 -19.72 2.52
CA ILE A 102 -15.32 -19.44 1.31
C ILE A 102 -16.28 -18.31 1.59
N ALA A 103 -16.24 -17.28 0.77
CA ALA A 103 -17.09 -16.11 0.98
C ALA A 103 -17.57 -15.57 -0.36
N GLY A 104 -18.81 -15.14 -0.40
CA GLY A 104 -19.34 -14.63 -1.65
C GLY A 104 -20.80 -14.22 -1.53
N CYS A 105 -21.45 -14.16 -2.69
CA CYS A 105 -22.83 -13.71 -2.77
C CYS A 105 -23.57 -14.56 -3.79
N GLU A 106 -24.81 -14.91 -3.46
CA GLU A 106 -25.64 -15.80 -4.26
C GLU A 106 -26.90 -15.06 -4.69
N LEU A 107 -27.26 -15.20 -5.95
CA LEU A 107 -28.48 -14.57 -6.48
C LEU A 107 -29.59 -15.60 -6.46
N HIS A 108 -30.47 -15.50 -5.48
CA HIS A 108 -31.65 -16.35 -5.43
C HIS A 108 -32.63 -15.93 -6.52
N SER A 109 -33.47 -16.88 -6.93
CA SER A 109 -34.51 -16.57 -7.89
C SER A 109 -35.47 -15.55 -7.30
N GLY A 110 -35.83 -14.56 -8.08
CA GLY A 110 -36.62 -13.44 -7.60
C GLY A 110 -35.82 -12.20 -7.27
N GLY A 111 -34.54 -12.15 -7.62
CA GLY A 111 -33.72 -10.98 -7.37
C GLY A 111 -33.46 -10.69 -5.92
N ALA A 112 -33.14 -11.71 -5.13
CA ALA A 112 -32.82 -11.55 -3.71
C ALA A 112 -31.39 -12.03 -3.50
N ILE A 113 -30.44 -11.11 -3.49
CA ILE A 113 -29.04 -11.45 -3.32
C ILE A 113 -28.74 -11.66 -1.85
N VAL A 114 -28.12 -12.79 -1.52
CA VAL A 114 -27.77 -13.13 -0.15
C VAL A 114 -26.26 -13.37 -0.08
N SER A 115 -25.60 -12.66 0.81
CA SER A 115 -24.16 -12.81 0.98
C SER A 115 -23.87 -13.77 2.13
N PHE A 116 -22.69 -14.38 2.07
CA PHE A 116 -22.33 -15.41 3.04
C PHE A 116 -20.83 -15.50 3.17
N LEU A 117 -20.39 -15.99 4.33
CA LEU A 117 -18.98 -16.24 4.61
C LEU A 117 -18.91 -17.44 5.55
N ARG A 118 -17.97 -18.32 5.30
CA ARG A 118 -17.85 -19.54 6.10
C ARG A 118 -16.39 -19.94 6.20
N GLY A 119 -16.01 -20.43 7.38
CA GLY A 119 -14.66 -20.88 7.61
C GLY A 119 -14.65 -22.26 8.23
N ALA A 120 -13.51 -22.93 8.10
CA ALA A 120 -13.41 -24.29 8.60
C ALA A 120 -11.97 -24.61 8.93
N LEU A 121 -11.78 -25.43 9.95
CA LEU A 121 -10.47 -25.90 10.38
C LEU A 121 -10.47 -27.41 10.39
N GLY A 122 -9.43 -28.00 9.81
CA GLY A 122 -9.33 -29.45 9.78
C GLY A 122 -10.51 -30.14 9.12
N GLY A 123 -11.18 -29.46 8.19
CA GLY A 123 -12.34 -30.02 7.53
C GLY A 123 -13.62 -29.90 8.30
N LEU A 124 -13.62 -29.30 9.48
CA LEU A 124 -14.81 -29.12 10.29
C LEU A 124 -15.19 -27.65 10.33
N ASP A 125 -16.49 -27.38 10.27
CA ASP A 125 -16.98 -26.01 10.28
C ASP A 125 -16.48 -25.28 11.53
N PHE A 126 -16.12 -24.01 11.35
CA PHE A 126 -15.58 -23.20 12.43
C PHE A 126 -16.44 -22.01 12.76
N LEU A 127 -16.78 -21.19 11.77
CA LEU A 127 -17.53 -19.97 12.02
C LEU A 127 -18.25 -19.56 10.74
N SER A 128 -19.14 -18.60 10.90
CA SER A 128 -19.84 -17.99 9.78
C SER A 128 -20.32 -16.62 10.24
N VAL A 129 -20.71 -15.79 9.28
CA VAL A 129 -21.20 -14.45 9.59
C VAL A 129 -22.63 -14.31 9.08
N LYS A 130 -23.47 -13.72 9.91
CA LYS A 130 -24.80 -13.26 9.51
C LYS A 130 -25.01 -11.87 10.10
N ASN A 131 -25.31 -10.91 9.23
CA ASN A 131 -25.42 -9.50 9.62
C ASN A 131 -24.12 -9.01 10.26
N ALA A 132 -22.99 -9.53 9.76
CA ALA A 132 -21.66 -9.13 10.21
C ALA A 132 -21.49 -9.32 11.71
N SER A 133 -21.50 -10.59 12.12
CA SER A 133 -21.46 -10.91 13.54
C SER A 133 -20.87 -12.31 13.72
N CYS A 134 -20.58 -12.63 14.98
CA CYS A 134 -20.10 -13.96 15.35
C CYS A 134 -21.19 -15.00 15.12
N VAL A 135 -20.81 -16.10 14.49
CA VAL A 135 -21.58 -17.35 14.59
C VAL A 135 -20.55 -18.46 14.72
N PRO A 136 -20.09 -18.77 15.92
CA PRO A 136 -19.13 -19.88 16.08
C PRO A 136 -19.84 -21.21 15.97
N SER A 137 -19.52 -21.97 14.94
CA SER A 137 -20.16 -23.25 14.75
C SER A 137 -19.80 -24.19 15.89
N PRO A 138 -20.76 -24.96 16.41
CA PRO A 138 -20.46 -25.83 17.57
C PRO A 138 -19.38 -26.85 17.30
N GLU A 139 -19.19 -27.26 16.04
CA GLU A 139 -18.14 -28.21 15.71
C GLU A 139 -16.77 -27.64 16.07
N GLY A 140 -16.56 -26.36 15.79
CA GLY A 140 -15.32 -25.72 16.19
C GLY A 140 -15.11 -25.74 17.69
N GLY A 141 -16.20 -25.82 18.46
CA GLY A 141 -16.06 -25.96 19.89
C GLY A 141 -15.55 -24.69 20.56
N SER A 142 -15.02 -24.90 21.77
CA SER A 142 -14.61 -23.79 22.63
C SER A 142 -13.78 -22.77 21.88
N ARG A 143 -12.64 -23.21 21.32
CA ARG A 143 -11.72 -22.29 20.65
C ARG A 143 -12.45 -21.44 19.63
N ALA A 144 -13.37 -22.06 18.87
CA ALA A 144 -14.18 -21.34 17.90
C ALA A 144 -14.71 -20.05 18.50
N GLN A 145 -15.53 -20.18 19.56
CA GLN A 145 -16.07 -19.00 20.21
C GLN A 145 -14.96 -18.04 20.57
N LYS A 146 -13.94 -18.54 21.27
CA LYS A 146 -12.79 -17.73 21.63
C LYS A 146 -12.35 -16.90 20.45
N PHE A 147 -12.04 -17.57 19.34
CA PHE A 147 -11.51 -16.85 18.19
C PHE A 147 -12.43 -15.71 17.79
N CYS A 148 -13.71 -16.01 17.58
CA CYS A 148 -14.54 -14.97 17.01
C CYS A 148 -14.74 -13.86 18.01
N ALA A 149 -14.70 -14.18 19.31
CA ALA A 149 -14.76 -13.14 20.32
C ALA A 149 -13.63 -12.14 20.11
N LEU A 150 -12.41 -12.63 19.94
CA LEU A 150 -11.30 -11.75 19.61
C LEU A 150 -11.60 -10.97 18.35
N ILE A 151 -12.15 -11.64 17.34
CA ILE A 151 -12.43 -10.99 16.06
C ILE A 151 -13.45 -9.87 16.24
N ILE A 152 -14.34 -9.99 17.23
CA ILE A 152 -15.31 -8.93 17.46
C ILE A 152 -14.62 -7.62 17.80
N GLN A 153 -13.49 -7.69 18.51
CA GLN A 153 -12.85 -6.48 19.00
C GLN A 153 -12.41 -5.57 17.85
N TYR A 154 -11.86 -6.16 16.80
CA TYR A 154 -11.29 -5.38 15.69
C TYR A 154 -12.42 -4.83 14.83
N GLN A 155 -12.83 -3.60 15.11
CA GLN A 155 -13.95 -3.00 14.38
C GLN A 155 -13.61 -2.81 12.91
N GLY A 156 -12.38 -2.40 12.60
CA GLY A 156 -12.04 -2.11 11.23
C GLY A 156 -12.12 -3.33 10.32
N ILE A 157 -11.63 -4.47 10.80
CA ILE A 157 -11.69 -5.69 10.01
C ILE A 157 -13.15 -6.08 9.75
N MET A 158 -13.99 -5.99 10.78
CA MET A 158 -15.39 -6.30 10.61
C MET A 158 -16.06 -5.34 9.62
N GLU A 159 -15.70 -4.06 9.69
CA GLU A 159 -16.28 -3.11 8.75
C GLU A 159 -15.85 -3.42 7.32
N THR A 160 -14.59 -3.79 7.12
CA THR A 160 -14.15 -4.17 5.78
C THR A 160 -14.90 -5.41 5.29
N VAL A 161 -15.07 -6.40 6.17
CA VAL A 161 -15.78 -7.62 5.78
C VAL A 161 -17.22 -7.30 5.39
N ARG A 162 -17.90 -6.49 6.21
CA ARG A 162 -19.28 -6.13 5.91
C ARG A 162 -19.38 -5.36 4.61
N ILE A 163 -18.46 -4.42 4.37
CA ILE A 163 -18.49 -3.63 3.14
C ILE A 163 -18.31 -4.53 1.94
N LEU A 164 -17.35 -5.46 2.00
CA LEU A 164 -17.12 -6.33 0.86
C LEU A 164 -18.25 -7.32 0.68
N LEU A 165 -18.97 -7.68 1.75
CA LEU A 165 -19.99 -8.70 1.63
C LEU A 165 -21.32 -8.13 1.14
N TYR A 166 -21.84 -7.12 1.83
CA TYR A 166 -23.19 -6.64 1.58
C TYR A 166 -23.25 -5.42 0.69
N GLU A 167 -22.12 -4.90 0.21
CA GLU A 167 -22.15 -3.66 -0.55
C GLU A 167 -21.42 -3.78 -1.88
N THR A 168 -20.40 -4.62 -1.94
CA THR A 168 -19.62 -4.80 -3.16
C THR A 168 -19.91 -6.10 -3.88
N CYS A 169 -20.07 -7.20 -3.15
CA CYS A 169 -20.34 -8.49 -3.79
C CYS A 169 -21.62 -8.47 -4.63
N PRO A 170 -22.76 -7.94 -4.16
CA PRO A 170 -23.93 -7.90 -5.06
C PRO A 170 -23.69 -7.12 -6.33
N ARG A 171 -23.00 -5.97 -6.23
CA ARG A 171 -22.70 -5.19 -7.42
C ARG A 171 -21.86 -5.99 -8.39
N TYR A 172 -20.81 -6.64 -7.89
CA TYR A 172 -19.94 -7.43 -8.76
C TYR A 172 -20.69 -8.60 -9.38
N LEU A 173 -21.55 -9.25 -8.60
CA LEU A 173 -22.28 -10.40 -9.12
C LEU A 173 -23.21 -9.97 -10.25
N LEU A 174 -23.94 -8.87 -10.06
CA LEU A 174 -24.77 -8.36 -11.13
C LEU A 174 -23.94 -7.98 -12.34
N GLY A 175 -22.79 -7.36 -12.11
CA GLY A 175 -21.94 -6.95 -13.22
C GLY A 175 -21.47 -8.12 -14.06
N VAL A 176 -21.00 -9.18 -13.42
CA VAL A 176 -20.51 -10.32 -14.19
C VAL A 176 -21.66 -11.07 -14.84
N LEU A 177 -22.80 -11.18 -14.15
CA LEU A 177 -23.93 -11.87 -14.75
C LEU A 177 -24.42 -11.15 -16.00
N ASN A 178 -24.45 -9.82 -15.97
CA ASN A 178 -24.86 -9.09 -17.16
C ASN A 178 -23.79 -9.13 -18.25
N ALA A 179 -22.52 -8.92 -17.86
CA ALA A 179 -21.45 -8.85 -18.86
C ALA A 179 -21.21 -10.20 -19.51
N GLY A 180 -21.08 -11.26 -18.72
CA GLY A 180 -20.84 -12.57 -19.26
C GLY A 180 -22.11 -13.25 -19.71
N LYS A 181 -23.06 -12.48 -20.21
CA LYS A 181 -24.34 -13.02 -20.64
C LYS A 181 -24.17 -14.02 -21.77
N ALA A 182 -23.32 -13.70 -22.74
CA ALA A 182 -23.16 -14.56 -23.91
C ALA A 182 -22.65 -15.94 -23.51
N ASP A 183 -21.62 -15.98 -22.67
CA ASP A 183 -21.04 -17.27 -22.29
C ASP A 183 -21.91 -18.00 -21.29
N LEU A 184 -22.60 -17.28 -20.41
CA LEU A 184 -23.35 -17.92 -19.34
C LEU A 184 -24.54 -18.70 -19.87
N GLN A 185 -25.25 -18.15 -20.86
CA GLN A 185 -26.53 -18.69 -21.29
C GLN A 185 -26.46 -19.39 -22.65
N ARG A 186 -25.26 -19.76 -23.09
CA ARG A 186 -25.15 -20.52 -24.32
C ARG A 186 -25.62 -21.94 -24.10
N GLN A 187 -25.88 -22.65 -25.20
CA GLN A 187 -26.31 -24.04 -25.16
C GLN A 187 -25.46 -24.85 -26.13
N VAL A 188 -25.05 -26.04 -25.68
CA VAL A 188 -24.27 -26.96 -26.50
C VAL A 188 -24.96 -28.31 -26.50
N LYS A 189 -25.11 -28.90 -27.68
CA LYS A 189 -25.76 -30.19 -27.78
C LYS A 189 -24.91 -31.26 -27.11
N PRO A 190 -25.53 -32.20 -26.41
CA PRO A 190 -24.75 -33.27 -25.77
C PRO A 190 -24.51 -34.46 -26.67
N GLU A 191 -23.25 -34.87 -26.81
CA GLU A 191 -22.95 -36.16 -27.41
C GLU A 191 -23.41 -37.27 -26.48
N ALA A 192 -23.68 -38.43 -27.06
CA ALA A 192 -24.11 -39.57 -26.27
C ALA A 192 -23.72 -40.87 -26.96
N TRP A 193 -23.40 -41.87 -26.16
CA TRP A 193 -23.08 -43.19 -26.70
C TRP A 193 -23.37 -44.25 -25.65
N LEU A 194 -23.23 -45.50 -26.05
CA LEU A 194 -23.59 -46.63 -25.21
C LEU A 194 -22.42 -47.59 -25.07
N SER A 195 -22.36 -48.27 -23.92
CA SER A 195 -21.28 -49.21 -23.67
C SER A 195 -21.77 -50.30 -22.73
N SER A 196 -21.04 -51.41 -22.73
CA SER A 196 -21.32 -52.55 -21.87
C SER A 196 -20.47 -52.49 -20.61
N GLY A 197 -20.93 -53.20 -19.58
CA GLY A 197 -20.24 -53.22 -18.31
C GLY A 197 -20.37 -54.54 -17.59
N PRO A 198 -19.25 -55.03 -17.06
CA PRO A 198 -19.26 -56.29 -16.32
C PRO A 198 -19.99 -56.16 -15.00
N SER A 199 -21.14 -56.80 -14.89
CA SER A 199 -21.94 -56.67 -13.69
C SER A 199 -21.84 -57.92 -12.83
N PRO A 200 -21.97 -57.80 -11.51
CA PRO A 200 -21.93 -58.98 -10.65
C PRO A 200 -23.14 -59.88 -10.89
N GLY A 201 -22.93 -61.17 -10.63
CA GLY A 201 -23.98 -62.15 -10.77
C GLY A 201 -23.91 -62.87 -12.11
N PRO A 202 -24.10 -64.19 -12.08
CA PRO A 202 -24.14 -64.94 -13.34
C PRO A 202 -25.35 -64.58 -14.17
N GLY A 203 -25.18 -64.64 -15.49
CA GLY A 203 -26.24 -64.29 -16.42
C GLY A 203 -26.70 -62.86 -16.23
N ARG A 204 -25.74 -61.94 -16.09
CA ARG A 204 -26.04 -60.56 -15.75
C ARG A 204 -25.14 -59.63 -16.55
N LEU A 205 -25.57 -58.39 -16.69
CA LEU A 205 -24.86 -57.40 -17.49
C LEU A 205 -25.22 -56.00 -17.03
N GLN A 206 -24.41 -55.03 -17.46
CA GLN A 206 -24.64 -53.62 -17.17
C GLN A 206 -24.62 -52.83 -18.46
N LEU A 207 -25.55 -51.90 -18.60
CA LEU A 207 -25.62 -51.00 -19.74
C LEU A 207 -25.33 -49.58 -19.27
N VAL A 208 -24.37 -48.92 -19.91
CA VAL A 208 -23.95 -47.59 -19.53
C VAL A 208 -24.25 -46.65 -20.68
N CYS A 209 -25.05 -45.62 -20.41
CA CYS A 209 -25.33 -44.55 -21.37
C CYS A 209 -24.50 -43.34 -20.96
N HIS A 210 -23.50 -42.99 -21.78
CA HIS A 210 -22.67 -41.84 -21.53
C HIS A 210 -23.22 -40.64 -22.28
N VAL A 211 -23.39 -39.52 -21.57
CA VAL A 211 -23.79 -38.26 -22.18
C VAL A 211 -22.76 -37.22 -21.77
N SER A 212 -22.15 -36.58 -22.77
CA SER A 212 -20.99 -35.73 -22.55
C SER A 212 -21.11 -34.44 -23.35
N GLY A 213 -20.37 -33.43 -22.90
CA GLY A 213 -20.27 -32.20 -23.65
C GLY A 213 -21.43 -31.25 -23.54
N PHE A 214 -22.35 -31.47 -22.60
CA PHE A 214 -23.52 -30.62 -22.51
C PHE A 214 -23.30 -29.48 -21.53
N TYR A 215 -24.14 -28.46 -21.67
CA TYR A 215 -24.17 -27.27 -20.83
C TYR A 215 -25.46 -26.53 -21.14
N PRO A 216 -26.17 -26.01 -20.14
CA PRO A 216 -25.85 -25.96 -18.71
C PRO A 216 -25.97 -27.31 -18.00
N LYS A 217 -25.63 -27.31 -16.71
CA LYS A 217 -25.51 -28.56 -15.96
C LYS A 217 -26.78 -29.41 -15.94
N PRO A 218 -27.97 -28.87 -15.66
CA PRO A 218 -29.13 -29.75 -15.49
C PRO A 218 -29.44 -30.56 -16.75
N VAL A 219 -29.81 -31.81 -16.55
CA VAL A 219 -30.06 -32.74 -17.64
C VAL A 219 -30.86 -33.91 -17.09
N TRP A 220 -31.69 -34.52 -17.93
CA TRP A 220 -32.54 -35.64 -17.52
C TRP A 220 -32.22 -36.83 -18.41
N VAL A 221 -31.61 -37.86 -17.83
CA VAL A 221 -31.21 -39.06 -18.56
C VAL A 221 -31.88 -40.26 -17.90
N MET A 222 -32.56 -41.07 -18.70
CA MET A 222 -33.28 -42.21 -18.16
C MET A 222 -33.14 -43.44 -19.05
N TRP A 223 -32.96 -44.59 -18.43
CA TRP A 223 -32.92 -45.87 -19.13
C TRP A 223 -34.35 -46.38 -19.22
N MET A 224 -34.95 -46.31 -20.41
CA MET A 224 -36.37 -46.61 -20.58
C MET A 224 -36.55 -47.72 -21.61
N ARG A 225 -37.52 -48.59 -21.34
CA ARG A 225 -37.93 -49.63 -22.28
C ARG A 225 -39.15 -49.08 -23.01
N GLY A 226 -38.94 -48.61 -24.24
CA GLY A 226 -39.99 -47.91 -24.95
C GLY A 226 -40.46 -46.70 -24.16
N GLU A 227 -41.65 -46.78 -23.57
CA GLU A 227 -42.15 -45.76 -22.67
C GLU A 227 -42.54 -46.34 -21.33
N GLN A 228 -42.03 -47.54 -20.99
CA GLN A 228 -42.38 -48.21 -19.75
C GLN A 228 -41.83 -47.48 -18.52
N GLU A 229 -40.90 -46.55 -18.70
CA GLU A 229 -40.25 -45.84 -17.60
C GLU A 229 -39.54 -46.84 -16.69
N GLN A 230 -38.53 -47.49 -17.26
CA GLN A 230 -37.81 -48.54 -16.55
C GLN A 230 -37.03 -47.95 -15.37
N GLN A 231 -37.12 -48.62 -14.22
CA GLN A 231 -36.45 -48.18 -13.01
C GLN A 231 -35.08 -48.85 -12.90
N GLY A 232 -34.46 -48.74 -11.73
CA GLY A 232 -33.16 -49.34 -11.52
C GLY A 232 -32.03 -48.66 -12.24
N THR A 233 -32.18 -47.38 -12.59
CA THR A 233 -31.16 -46.63 -13.30
C THR A 233 -30.41 -45.77 -12.28
N GLN A 234 -29.12 -46.06 -12.10
CA GLN A 234 -28.28 -45.28 -11.21
C GLN A 234 -27.60 -44.18 -12.02
N LEU A 235 -27.85 -42.93 -11.63
CA LEU A 235 -27.22 -41.78 -12.26
C LEU A 235 -26.00 -41.40 -11.43
N GLY A 236 -24.82 -41.62 -11.99
CA GLY A 236 -23.62 -41.20 -11.31
C GLY A 236 -23.55 -39.69 -11.16
N ASP A 237 -22.66 -39.25 -10.26
CA ASP A 237 -22.49 -37.82 -10.06
C ASP A 237 -22.04 -37.17 -11.35
N ILE A 238 -22.54 -35.96 -11.59
CA ILE A 238 -22.25 -35.25 -12.83
C ILE A 238 -20.80 -34.77 -12.79
N LEU A 239 -19.91 -35.52 -13.42
CA LEU A 239 -18.51 -35.20 -13.38
C LEU A 239 -18.22 -33.98 -14.25
N PRO A 240 -17.27 -33.14 -13.85
CA PRO A 240 -16.91 -31.98 -14.65
C PRO A 240 -16.02 -32.42 -15.80
N ASN A 241 -15.69 -31.45 -16.66
CA ASN A 241 -14.87 -31.73 -17.82
C ASN A 241 -14.30 -30.40 -18.29
N ALA A 242 -13.02 -30.39 -18.64
CA ALA A 242 -12.41 -29.18 -19.17
C ALA A 242 -13.15 -28.73 -20.43
N ASN A 243 -12.89 -27.49 -20.84
CA ASN A 243 -13.57 -26.80 -21.93
C ASN A 243 -14.95 -26.36 -21.44
N TRP A 244 -15.28 -26.60 -20.17
CA TRP A 244 -16.49 -26.09 -19.52
C TRP A 244 -17.74 -26.76 -20.05
N THR A 245 -17.71 -28.09 -20.11
CA THR A 245 -18.89 -28.91 -20.31
C THR A 245 -18.90 -29.98 -19.23
N TRP A 246 -19.93 -30.81 -19.23
CA TRP A 246 -20.09 -31.83 -18.22
C TRP A 246 -20.27 -33.20 -18.85
N TYR A 247 -19.99 -34.22 -18.05
CA TYR A 247 -20.06 -35.61 -18.47
C TYR A 247 -20.84 -36.40 -17.42
N LEU A 248 -21.57 -37.41 -17.86
CA LEU A 248 -22.40 -38.18 -16.94
C LEU A 248 -22.69 -39.54 -17.54
N ARG A 249 -22.48 -40.59 -16.76
CA ARG A 249 -22.81 -41.94 -17.17
C ARG A 249 -23.97 -42.45 -16.33
N ALA A 250 -25.01 -42.94 -17.00
CA ALA A 250 -26.16 -43.55 -16.34
C ALA A 250 -26.08 -45.06 -16.54
N THR A 251 -26.06 -45.80 -15.44
CA THR A 251 -25.87 -47.23 -15.49
C THR A 251 -27.16 -47.96 -15.14
N LEU A 252 -27.37 -49.11 -15.77
CA LEU A 252 -28.51 -49.96 -15.48
C LEU A 252 -28.05 -51.40 -15.44
N ASP A 253 -28.45 -52.12 -14.40
CA ASP A 253 -28.15 -53.53 -14.25
C ASP A 253 -29.32 -54.36 -14.76
N VAL A 254 -29.03 -55.39 -15.56
CA VAL A 254 -30.09 -56.22 -16.10
C VAL A 254 -29.50 -57.57 -16.50
N ALA A 255 -30.29 -58.62 -16.33
CA ALA A 255 -29.91 -59.93 -16.79
C ALA A 255 -29.89 -59.97 -18.31
N ASP A 256 -29.08 -60.86 -18.87
CA ASP A 256 -28.98 -60.97 -20.32
C ASP A 256 -30.28 -61.50 -20.91
N GLY A 257 -30.68 -60.93 -22.05
CA GLY A 257 -31.90 -61.33 -22.70
C GLY A 257 -32.91 -60.20 -22.79
N GLU A 258 -32.99 -59.40 -21.73
CA GLU A 258 -33.90 -58.25 -21.70
C GLU A 258 -33.28 -56.99 -22.29
N ALA A 259 -32.05 -57.08 -22.80
CA ALA A 259 -31.40 -55.91 -23.38
C ALA A 259 -32.18 -55.35 -24.57
N ALA A 260 -32.88 -56.21 -25.30
CA ALA A 260 -33.69 -55.75 -26.42
C ALA A 260 -34.86 -54.91 -25.92
N GLY A 261 -35.26 -53.94 -26.74
CA GLY A 261 -36.33 -53.04 -26.38
C GLY A 261 -35.94 -51.95 -25.40
N LEU A 262 -34.64 -51.78 -25.12
CA LEU A 262 -34.17 -50.79 -24.18
C LEU A 262 -33.48 -49.65 -24.91
N SER A 263 -33.58 -48.46 -24.33
CA SER A 263 -32.93 -47.29 -24.92
C SER A 263 -32.71 -46.27 -23.81
N CYS A 264 -31.60 -45.56 -23.89
CA CYS A 264 -31.36 -44.44 -22.98
C CYS A 264 -31.83 -43.16 -23.65
N ARG A 265 -32.63 -42.39 -22.92
CA ARG A 265 -33.21 -41.15 -23.42
C ARG A 265 -32.60 -39.97 -22.67
N VAL A 266 -32.23 -38.94 -23.43
CA VAL A 266 -31.57 -37.75 -22.92
C VAL A 266 -32.43 -36.54 -23.27
N LYS A 267 -32.77 -35.76 -22.25
CA LYS A 267 -33.47 -34.49 -22.41
C LYS A 267 -32.61 -33.40 -21.80
N HIS A 268 -32.32 -32.36 -22.60
CA HIS A 268 -31.52 -31.24 -22.16
C HIS A 268 -32.06 -29.98 -22.82
N SER A 269 -31.81 -28.84 -22.19
CA SER A 269 -32.35 -27.58 -22.71
C SER A 269 -31.84 -27.29 -24.11
N SER A 270 -30.59 -27.64 -24.41
CA SER A 270 -30.03 -27.37 -25.72
C SER A 270 -30.71 -28.14 -26.84
N LEU A 271 -31.48 -29.17 -26.51
CA LEU A 271 -32.17 -29.95 -27.53
C LEU A 271 -33.56 -29.43 -27.85
N GLU A 272 -34.02 -28.38 -27.16
CA GLU A 272 -35.32 -27.75 -27.34
C GLU A 272 -36.43 -28.74 -27.65
N GLY A 273 -36.51 -29.82 -26.86
CA GLY A 273 -37.55 -30.81 -27.01
C GLY A 273 -37.24 -31.93 -27.97
N GLN A 274 -36.13 -31.87 -28.70
CA GLN A 274 -35.73 -32.95 -29.60
C GLN A 274 -34.89 -33.92 -28.78
N ASP A 275 -35.55 -34.86 -28.12
CA ASP A 275 -34.88 -35.77 -27.22
C ASP A 275 -33.93 -36.70 -27.96
N ILE A 276 -32.89 -37.15 -27.28
CA ILE A 276 -31.93 -38.09 -27.83
C ILE A 276 -32.31 -39.49 -27.37
N ILE A 277 -32.41 -40.42 -28.30
CA ILE A 277 -32.74 -41.80 -28.00
C ILE A 277 -31.61 -42.69 -28.52
N LEU A 278 -31.08 -43.53 -27.64
CA LEU A 278 -30.02 -44.48 -28.00
C LEU A 278 -30.52 -45.88 -27.73
N TYR A 279 -30.77 -46.64 -28.79
CA TYR A 279 -31.29 -48.00 -28.67
C TYR A 279 -30.18 -48.99 -28.36
N TRP A 280 -30.53 -50.07 -27.70
CA TRP A 280 -29.59 -51.13 -27.41
C TRP A 280 -30.18 -52.50 -27.71
N GLN B 3 -10.32 -36.92 8.03
CA GLN B 3 -9.67 -37.82 7.09
C GLN B 3 -10.69 -38.49 6.18
N ARG B 4 -10.55 -38.27 4.88
CA ARG B 4 -11.48 -38.83 3.90
C ARG B 4 -10.66 -39.38 2.73
N THR B 5 -10.84 -40.65 2.44
CA THR B 5 -10.11 -41.27 1.34
C THR B 5 -10.63 -40.72 0.01
N PRO B 6 -9.74 -40.34 -0.92
CA PRO B 6 -10.21 -39.81 -2.20
C PRO B 6 -10.98 -40.84 -3.00
N LYS B 7 -11.93 -40.36 -3.78
CA LYS B 7 -12.67 -41.17 -4.74
C LYS B 7 -12.23 -40.79 -6.14
N ILE B 8 -11.87 -41.78 -6.95
CA ILE B 8 -11.26 -41.57 -8.26
C ILE B 8 -12.20 -42.08 -9.34
N GLN B 9 -12.43 -41.26 -10.36
CA GLN B 9 -13.19 -41.68 -11.53
C GLN B 9 -12.45 -41.21 -12.78
N VAL B 10 -12.20 -42.14 -13.70
CA VAL B 10 -11.52 -41.80 -14.94
C VAL B 10 -12.48 -41.99 -16.09
N TYR B 11 -12.33 -41.17 -17.12
CA TYR B 11 -13.21 -41.21 -18.26
C TYR B 11 -12.56 -40.48 -19.44
N SER B 12 -13.27 -40.46 -20.56
CA SER B 12 -12.80 -39.79 -21.75
C SER B 12 -13.88 -38.83 -22.24
N ARG B 13 -13.46 -37.65 -22.68
CA ARG B 13 -14.44 -36.66 -23.13
C ARG B 13 -15.23 -37.15 -24.33
N HIS B 14 -14.59 -37.91 -25.21
CA HIS B 14 -15.24 -38.42 -26.40
C HIS B 14 -15.14 -39.94 -26.44
N PRO B 15 -16.07 -40.62 -27.12
CA PRO B 15 -16.09 -42.09 -27.09
C PRO B 15 -14.80 -42.67 -27.67
N ALA B 16 -14.44 -43.84 -27.16
CA ALA B 16 -13.15 -44.45 -27.46
C ALA B 16 -13.10 -44.85 -28.93
N GLU B 17 -12.35 -44.08 -29.72
CA GLU B 17 -12.03 -44.44 -31.09
C GLU B 17 -10.56 -44.89 -31.11
N ASN B 18 -10.03 -45.17 -32.29
CA ASN B 18 -8.62 -45.52 -32.45
C ASN B 18 -8.00 -44.56 -33.45
N GLY B 19 -6.84 -44.03 -33.11
CA GLY B 19 -6.20 -43.03 -33.95
C GLY B 19 -6.97 -41.73 -34.03
N LYS B 20 -7.61 -41.32 -32.93
CA LYS B 20 -8.40 -40.10 -32.87
C LYS B 20 -8.01 -39.37 -31.60
N SER B 21 -7.70 -38.08 -31.73
CA SER B 21 -7.39 -37.28 -30.55
C SER B 21 -8.57 -37.23 -29.60
N ASN B 22 -8.29 -37.33 -28.31
CA ASN B 22 -9.32 -37.37 -27.28
C ASN B 22 -8.72 -36.89 -25.98
N PHE B 23 -9.59 -36.56 -25.04
CA PHE B 23 -9.18 -36.08 -23.72
C PHE B 23 -9.43 -37.15 -22.68
N LEU B 24 -8.40 -37.49 -21.92
CA LEU B 24 -8.51 -38.44 -20.82
C LEU B 24 -8.50 -37.67 -19.51
N ASN B 25 -9.53 -37.89 -18.69
CA ASN B 25 -9.73 -37.16 -17.45
C ASN B 25 -9.71 -38.12 -16.28
N CYS B 26 -9.05 -37.71 -15.20
CA CYS B 26 -9.06 -38.43 -13.93
C CYS B 26 -9.50 -37.45 -12.86
N TYR B 27 -10.65 -37.69 -12.25
CA TYR B 27 -11.30 -36.78 -11.32
C TYR B 27 -11.25 -37.39 -9.93
N VAL B 28 -10.59 -36.70 -9.00
CA VAL B 28 -10.45 -37.14 -7.62
C VAL B 28 -11.28 -36.20 -6.75
N SER B 29 -12.07 -36.78 -5.86
CA SER B 29 -13.06 -36.02 -5.11
C SER B 29 -13.12 -36.48 -3.67
N GLY B 30 -13.58 -35.59 -2.80
CA GLY B 30 -13.90 -35.96 -1.43
C GLY B 30 -12.73 -36.40 -0.60
N PHE B 31 -11.59 -35.75 -0.73
CA PHE B 31 -10.42 -36.09 0.06
C PHE B 31 -10.03 -34.93 0.95
N HIS B 32 -9.23 -35.23 1.96
CA HIS B 32 -8.78 -34.25 2.95
C HIS B 32 -7.63 -34.85 3.74
N PRO B 33 -6.53 -34.12 3.95
CA PRO B 33 -6.26 -32.73 3.58
C PRO B 33 -5.93 -32.55 2.11
N SER B 34 -5.48 -31.36 1.74
CA SER B 34 -5.31 -30.98 0.34
C SER B 34 -4.09 -31.60 -0.32
N ASP B 35 -3.16 -32.14 0.45
CA ASP B 35 -1.95 -32.69 -0.14
C ASP B 35 -2.26 -34.02 -0.81
N ILE B 36 -2.04 -34.08 -2.13
CA ILE B 36 -2.31 -35.28 -2.91
C ILE B 36 -1.41 -35.26 -4.13
N GLU B 37 -1.04 -36.45 -4.61
CA GLU B 37 -0.30 -36.55 -5.86
C GLU B 37 -1.04 -37.47 -6.81
N VAL B 38 -1.22 -37.02 -8.04
CA VAL B 38 -1.96 -37.75 -9.06
C VAL B 38 -1.12 -37.77 -10.32
N ASP B 39 -0.94 -38.97 -10.88
CA ASP B 39 -0.24 -39.14 -12.14
C ASP B 39 -1.12 -39.90 -13.11
N LEU B 40 -0.95 -39.62 -14.39
CA LEU B 40 -1.61 -40.38 -15.44
C LEU B 40 -0.59 -41.32 -16.04
N LEU B 41 -0.96 -42.59 -16.15
CA LEU B 41 -0.04 -43.64 -16.54
C LEU B 41 -0.46 -44.20 -17.90
N LYS B 42 0.45 -44.16 -18.86
CA LYS B 42 0.30 -44.85 -20.13
C LYS B 42 1.13 -46.13 -20.03
N ASN B 43 0.46 -47.28 -20.05
CA ASN B 43 1.10 -48.60 -20.01
C ASN B 43 2.11 -48.73 -18.86
N GLY B 44 2.00 -47.89 -17.84
CA GLY B 44 2.93 -47.97 -16.73
C GLY B 44 3.84 -46.76 -16.61
N GLU B 45 4.37 -46.29 -17.74
CA GLU B 45 5.16 -45.07 -17.67
C GLU B 45 4.26 -43.85 -17.48
N ARG B 46 4.87 -42.74 -17.08
CA ARG B 46 4.15 -41.57 -16.62
C ARG B 46 4.02 -40.57 -17.75
N ILE B 47 2.79 -40.08 -17.98
CA ILE B 47 2.55 -39.02 -18.95
C ILE B 47 2.81 -37.69 -18.25
N GLU B 48 3.87 -37.00 -18.65
CA GLU B 48 4.30 -35.78 -18.00
C GLU B 48 3.60 -34.54 -18.53
N LYS B 49 2.76 -34.68 -19.56
CA LYS B 49 2.09 -33.55 -20.19
C LYS B 49 0.66 -33.40 -19.68
N VAL B 50 0.44 -33.67 -18.41
CA VAL B 50 -0.88 -33.57 -17.80
C VAL B 50 -1.03 -32.20 -17.16
N GLU B 51 -2.24 -31.64 -17.24
CA GLU B 51 -2.56 -30.38 -16.61
C GLU B 51 -3.76 -30.56 -15.69
N HIS B 52 -3.76 -29.79 -14.60
CA HIS B 52 -4.78 -29.92 -13.56
C HIS B 52 -5.44 -28.57 -13.31
N SER B 53 -6.70 -28.61 -12.92
CA SER B 53 -7.40 -27.39 -12.55
C SER B 53 -6.97 -26.96 -11.14
N ASP B 54 -7.44 -25.78 -10.75
CA ASP B 54 -7.08 -25.25 -9.44
C ASP B 54 -7.85 -25.98 -8.35
N LEU B 55 -7.38 -25.81 -7.12
CA LEU B 55 -7.95 -26.51 -5.99
C LEU B 55 -9.30 -25.91 -5.61
N SER B 56 -10.29 -26.76 -5.39
CA SER B 56 -11.62 -26.32 -4.97
C SER B 56 -12.19 -27.34 -4.00
N PHE B 57 -13.19 -26.93 -3.24
CA PHE B 57 -13.82 -27.81 -2.28
C PHE B 57 -15.32 -27.58 -2.28
N SER B 58 -16.07 -28.62 -1.91
CA SER B 58 -17.51 -28.57 -1.88
C SER B 58 -17.97 -27.98 -0.54
N LYS B 59 -19.28 -28.09 -0.26
CA LYS B 59 -19.82 -27.55 0.98
C LYS B 59 -19.39 -28.35 2.20
N ASP B 60 -18.80 -29.52 2.03
CA ASP B 60 -18.29 -30.32 3.12
C ASP B 60 -16.81 -30.09 3.38
N TRP B 61 -16.22 -29.09 2.73
CA TRP B 61 -14.80 -28.79 2.82
C TRP B 61 -13.93 -29.94 2.34
N SER B 62 -14.48 -30.81 1.50
CA SER B 62 -13.74 -31.90 0.90
C SER B 62 -13.30 -31.46 -0.50
N PHE B 63 -12.00 -31.52 -0.75
CA PHE B 63 -11.46 -30.98 -1.99
C PHE B 63 -11.85 -31.86 -3.17
N TYR B 64 -11.48 -31.40 -4.37
CA TYR B 64 -11.64 -32.19 -5.58
C TYR B 64 -10.84 -31.53 -6.70
N LEU B 65 -10.21 -32.36 -7.52
CA LEU B 65 -9.40 -31.92 -8.64
C LEU B 65 -9.69 -32.81 -9.83
N LEU B 66 -9.30 -32.34 -11.01
CA LEU B 66 -9.27 -33.22 -12.17
C LEU B 66 -7.98 -32.99 -12.94
N TYR B 67 -7.39 -34.08 -13.40
CA TYR B 67 -6.20 -34.06 -14.25
C TYR B 67 -6.60 -34.58 -15.62
N TYR B 68 -6.44 -33.74 -16.63
CA TYR B 68 -6.87 -34.08 -17.98
C TYR B 68 -5.72 -33.92 -18.94
N THR B 69 -5.69 -34.76 -19.96
CA THR B 69 -4.61 -34.69 -20.93
C THR B 69 -5.08 -35.10 -22.31
N GLU B 70 -4.42 -34.53 -23.31
CA GLU B 70 -4.54 -34.98 -24.69
C GLU B 70 -4.00 -36.40 -24.81
N PHE B 71 -4.62 -37.21 -25.65
CA PHE B 71 -4.08 -38.52 -25.97
C PHE B 71 -4.75 -39.03 -27.24
N THR B 72 -4.26 -40.18 -27.72
CA THR B 72 -4.76 -40.80 -28.94
C THR B 72 -4.86 -42.30 -28.69
N PRO B 73 -6.02 -42.80 -28.30
CA PRO B 73 -6.13 -44.21 -27.94
C PRO B 73 -5.89 -45.14 -29.12
N THR B 74 -5.30 -46.30 -28.81
CA THR B 74 -5.10 -47.37 -29.78
C THR B 74 -5.68 -48.66 -29.24
N GLU B 75 -5.38 -49.78 -29.89
CA GLU B 75 -5.81 -51.08 -29.40
C GLU B 75 -4.81 -51.72 -28.45
N LYS B 76 -3.57 -51.25 -28.45
CA LYS B 76 -2.52 -51.85 -27.63
C LYS B 76 -2.25 -51.10 -26.35
N ASP B 77 -2.48 -49.79 -26.32
CA ASP B 77 -2.07 -48.96 -25.20
C ASP B 77 -2.89 -49.29 -23.95
N GLU B 78 -2.57 -48.61 -22.85
CA GLU B 78 -3.20 -48.89 -21.56
C GLU B 78 -3.08 -47.63 -20.71
N TYR B 79 -4.21 -47.07 -20.29
CA TYR B 79 -4.24 -45.81 -19.57
C TYR B 79 -4.88 -45.97 -18.20
N ALA B 80 -4.31 -45.30 -17.21
CA ALA B 80 -4.80 -45.40 -15.85
C ALA B 80 -4.43 -44.14 -15.08
N CYS B 81 -4.94 -44.04 -13.87
CA CYS B 81 -4.68 -42.92 -12.98
C CYS B 81 -4.16 -43.45 -11.65
N ARG B 82 -3.00 -42.96 -11.22
CA ARG B 82 -2.37 -43.39 -9.97
C ARG B 82 -2.45 -42.25 -8.97
N VAL B 83 -3.05 -42.51 -7.82
CA VAL B 83 -3.27 -41.50 -6.80
C VAL B 83 -2.58 -41.94 -5.52
N ASN B 84 -1.85 -41.01 -4.89
CA ASN B 84 -1.26 -41.25 -3.59
C ASN B 84 -1.60 -40.09 -2.68
N HIS B 85 -2.01 -40.42 -1.46
CA HIS B 85 -2.53 -39.46 -0.50
C HIS B 85 -2.28 -40.03 0.89
N VAL B 86 -2.34 -39.16 1.89
CA VAL B 86 -1.98 -39.58 3.25
C VAL B 86 -2.91 -40.69 3.73
N THR B 87 -4.19 -40.61 3.38
CA THR B 87 -5.15 -41.59 3.88
C THR B 87 -4.93 -42.97 3.29
N LEU B 88 -4.20 -43.09 2.18
CA LEU B 88 -3.91 -44.38 1.58
C LEU B 88 -2.46 -44.76 1.85
N SER B 89 -2.26 -45.98 2.36
CA SER B 89 -0.91 -46.42 2.68
C SER B 89 -0.10 -46.74 1.42
N GLN B 90 -0.75 -47.31 0.41
CA GLN B 90 -0.08 -47.55 -0.86
C GLN B 90 -0.84 -46.80 -1.95
N PRO B 91 -0.15 -46.39 -3.02
CA PRO B 91 -0.84 -45.71 -4.12
C PRO B 91 -1.90 -46.61 -4.74
N LYS B 92 -2.99 -45.99 -5.18
CA LYS B 92 -4.09 -46.70 -5.79
C LYS B 92 -4.14 -46.41 -7.27
N ILE B 93 -4.32 -47.46 -8.08
CA ILE B 93 -4.36 -47.34 -9.53
C ILE B 93 -5.78 -47.64 -9.99
N VAL B 94 -6.34 -46.76 -10.80
CA VAL B 94 -7.65 -46.95 -11.40
C VAL B 94 -7.46 -47.01 -12.91
N LYS B 95 -7.82 -48.14 -13.51
CA LYS B 95 -7.60 -48.35 -14.93
C LYS B 95 -8.77 -47.78 -15.72
N TRP B 96 -8.45 -47.04 -16.77
CA TRP B 96 -9.49 -46.52 -17.66
C TRP B 96 -10.14 -47.67 -18.40
N ASP B 97 -11.47 -47.60 -18.53
CA ASP B 97 -12.24 -48.62 -19.22
C ASP B 97 -12.63 -48.17 -20.62
N ARG B 98 -12.89 -49.13 -21.49
CA ARG B 98 -13.28 -48.84 -22.86
C ARG B 98 -14.53 -49.61 -23.25
N LYS C 3 -9.89 12.61 -4.30
CA LYS C 3 -8.74 13.45 -3.96
C LYS C 3 -9.12 14.49 -2.90
N ILE C 4 -8.12 14.98 -2.19
CA ILE C 4 -8.32 15.93 -1.09
C ILE C 4 -7.81 17.30 -1.55
N THR C 5 -8.66 18.31 -1.43
CA THR C 5 -8.34 19.66 -1.87
C THR C 5 -8.28 20.57 -0.65
N GLN C 6 -7.08 21.06 -0.35
CA GLN C 6 -6.94 22.01 0.75
C GLN C 6 -7.42 23.40 0.37
N THR C 7 -7.23 23.78 -0.90
CA THR C 7 -7.74 25.06 -1.43
C THR C 7 -7.29 26.24 -0.59
N GLN C 8 -6.03 26.22 -0.17
CA GLN C 8 -5.53 27.32 0.63
C GLN C 8 -4.08 27.60 0.27
N PRO C 9 -3.77 28.82 -0.18
CA PRO C 9 -2.37 29.17 -0.46
C PRO C 9 -1.52 29.17 0.79
N GLY C 10 -1.98 29.91 1.80
CA GLY C 10 -1.25 30.03 3.05
C GLY C 10 -1.98 30.93 4.03
N MET C 11 -2.00 30.53 5.29
CA MET C 11 -2.75 31.25 6.31
C MET C 11 -1.80 31.99 7.24
N PHE C 12 -2.25 33.16 7.72
CA PHE C 12 -1.50 33.97 8.66
C PHE C 12 -2.37 34.24 9.87
N VAL C 13 -1.76 34.18 11.06
CA VAL C 13 -2.50 34.34 12.29
C VAL C 13 -1.57 34.92 13.35
N GLN C 14 -2.10 35.86 14.13
CA GLN C 14 -1.32 36.43 15.22
C GLN C 14 -1.08 35.39 16.30
N GLU C 15 -0.07 35.64 17.13
CA GLU C 15 0.24 34.75 18.23
C GLU C 15 -0.91 34.75 19.25
N LYS C 16 -1.08 33.61 19.91
CA LYS C 16 -2.10 33.45 20.95
C LYS C 16 -3.50 33.65 20.40
N GLU C 17 -3.75 33.12 19.20
CA GLU C 17 -5.05 33.17 18.57
C GLU C 17 -5.42 31.79 18.06
N ALA C 18 -6.56 31.70 17.40
CA ALA C 18 -7.06 30.44 16.86
C ALA C 18 -7.14 30.54 15.34
N VAL C 19 -6.71 29.47 14.67
CA VAL C 19 -6.68 29.42 13.22
C VAL C 19 -7.39 28.16 12.77
N THR C 20 -8.20 28.29 11.73
CA THR C 20 -9.01 27.18 11.22
C THR C 20 -8.51 26.80 9.84
N LEU C 21 -7.63 25.80 9.79
CA LEU C 21 -7.14 25.28 8.52
C LEU C 21 -8.21 24.40 7.89
N ASP C 22 -8.49 24.61 6.61
CA ASP C 22 -9.57 23.93 5.92
C ASP C 22 -9.06 22.75 5.11
N CYS C 23 -9.91 21.73 4.99
CA CYS C 23 -9.60 20.56 4.17
C CYS C 23 -10.91 19.93 3.74
N THR C 24 -11.20 19.97 2.44
CA THR C 24 -12.41 19.39 1.89
C THR C 24 -12.06 18.22 0.99
N TYR C 25 -12.67 17.08 1.23
CA TYR C 25 -12.50 15.90 0.42
C TYR C 25 -13.77 15.62 -0.37
N ASP C 26 -13.64 14.79 -1.41
CA ASP C 26 -14.75 14.52 -2.32
C ASP C 26 -15.14 13.06 -2.37
N THR C 27 -14.52 12.19 -1.57
CA THR C 27 -14.85 10.77 -1.61
C THR C 27 -16.25 10.53 -1.06
N SER C 28 -17.08 9.86 -1.84
CA SER C 28 -18.44 9.54 -1.43
C SER C 28 -18.53 8.31 -0.55
N ASP C 29 -17.47 7.52 -0.45
CA ASP C 29 -17.50 6.30 0.34
C ASP C 29 -17.41 6.62 1.82
N GLN C 30 -18.22 5.91 2.61
CA GLN C 30 -18.16 6.05 4.06
C GLN C 30 -17.04 5.19 4.62
N SER C 31 -16.94 5.14 5.95
CA SER C 31 -16.00 4.28 6.66
C SER C 31 -14.56 4.57 6.23
N TYR C 32 -14.10 5.78 6.58
CA TYR C 32 -12.74 6.16 6.29
C TYR C 32 -12.07 6.73 7.54
N GLY C 33 -10.81 7.15 7.40
CA GLY C 33 -10.09 7.74 8.51
C GLY C 33 -9.33 8.98 8.09
N LEU C 34 -9.51 10.07 8.82
CA LEU C 34 -8.95 11.36 8.45
C LEU C 34 -7.77 11.71 9.35
N PHE C 35 -6.64 12.03 8.74
CA PHE C 35 -5.42 12.34 9.45
C PHE C 35 -4.98 13.76 9.15
N TRP C 36 -4.24 14.35 10.08
CA TRP C 36 -3.59 15.65 9.89
C TRP C 36 -2.13 15.52 10.25
N TYR C 37 -1.26 15.99 9.37
CA TYR C 37 0.18 15.86 9.55
C TYR C 37 0.83 17.23 9.43
N LYS C 38 1.81 17.48 10.28
CA LYS C 38 2.53 18.74 10.31
C LYS C 38 3.97 18.50 9.91
N GLN C 39 4.45 19.27 8.94
CA GLN C 39 5.82 19.16 8.45
C GLN C 39 6.54 20.47 8.68
N PRO C 40 7.38 20.56 9.70
CA PRO C 40 8.14 21.80 9.91
C PRO C 40 9.14 22.05 8.80
N SER C 41 9.89 23.15 8.90
CA SER C 41 10.84 23.49 7.85
C SER C 41 11.93 22.43 7.72
N SER C 42 12.22 21.71 8.80
CA SER C 42 13.29 20.71 8.76
C SER C 42 12.94 19.59 7.77
N GLY C 43 11.69 19.16 7.75
CA GLY C 43 11.27 18.20 6.75
C GLY C 43 10.48 17.01 7.27
N GLU C 44 10.77 16.59 8.50
CA GLU C 44 10.10 15.42 9.06
C GLU C 44 8.61 15.68 9.21
N MET C 45 7.82 14.63 9.01
CA MET C 45 6.37 14.70 9.14
C MET C 45 5.98 14.24 10.54
N ILE C 46 5.20 15.06 11.23
CA ILE C 46 4.79 14.80 12.60
C ILE C 46 3.30 14.60 12.63
N PHE C 47 2.85 13.43 13.10
CA PHE C 47 1.42 13.16 13.20
C PHE C 47 0.78 14.08 14.22
N LEU C 48 -0.43 14.55 13.91
CA LEU C 48 -1.10 15.55 14.74
C LEU C 48 -2.35 15.00 15.42
N ILE C 49 -3.31 14.49 14.64
CA ILE C 49 -4.59 14.08 15.19
C ILE C 49 -5.26 13.16 14.18
N TYR C 50 -6.22 12.36 14.65
CA TYR C 50 -6.93 11.43 13.79
C TYR C 50 -8.39 11.39 14.20
N GLN C 51 -9.28 11.35 13.21
CA GLN C 51 -10.71 11.29 13.44
C GLN C 51 -11.32 10.21 12.57
N GLY C 52 -11.88 9.18 13.18
CA GLY C 52 -12.61 8.19 12.43
C GLY C 52 -13.91 8.75 11.89
N SER C 53 -14.38 8.17 10.79
CA SER C 53 -15.60 8.65 10.18
C SER C 53 -16.81 8.42 11.07
N TYR C 54 -16.85 7.29 11.76
CA TYR C 54 -18.00 6.89 12.55
C TYR C 54 -17.89 7.28 14.02
N ASP C 55 -16.87 8.03 14.40
CA ASP C 55 -16.63 8.28 15.82
C ASP C 55 -17.64 9.26 16.41
N GLU C 56 -18.56 9.81 15.61
CA GLU C 56 -19.65 10.68 16.05
C GLU C 56 -19.23 11.71 17.08
N GLN C 57 -17.99 12.20 16.97
CA GLN C 57 -17.47 13.13 17.96
C GLN C 57 -16.26 13.82 17.36
N ASN C 58 -16.19 15.14 17.52
CA ASN C 58 -15.07 15.91 16.99
C ASN C 58 -13.84 15.62 17.84
N ALA C 59 -12.91 14.84 17.29
CA ALA C 59 -11.74 14.43 18.04
C ALA C 59 -10.92 15.65 18.45
N THR C 60 -10.53 15.68 19.72
CA THR C 60 -9.69 16.74 20.26
C THR C 60 -8.46 16.12 20.88
N GLU C 61 -7.31 16.73 20.66
CA GLU C 61 -6.06 16.23 21.20
C GLU C 61 -5.14 17.42 21.41
N GLY C 62 -4.75 17.63 22.66
CA GLY C 62 -3.89 18.76 22.98
C GLY C 62 -4.57 20.06 22.58
N ARG C 63 -3.81 20.92 21.92
CA ARG C 63 -4.32 22.20 21.44
C ARG C 63 -4.99 22.08 20.08
N TYR C 64 -4.99 20.89 19.47
CA TYR C 64 -5.59 20.69 18.16
C TYR C 64 -6.98 20.09 18.32
N SER C 65 -7.99 20.79 17.80
CA SER C 65 -9.35 20.29 17.76
C SER C 65 -9.73 20.00 16.31
N LEU C 66 -10.92 19.47 16.11
CA LEU C 66 -11.40 19.19 14.77
C LEU C 66 -12.83 19.68 14.61
N ASN C 67 -13.20 19.98 13.37
CA ASN C 67 -14.54 20.43 13.05
C ASN C 67 -15.17 19.50 12.02
N PHE C 68 -15.05 18.19 12.26
CA PHE C 68 -15.45 17.19 11.28
C PHE C 68 -16.95 17.22 11.07
N GLN C 69 -17.37 17.53 9.84
CA GLN C 69 -18.77 17.45 9.44
C GLN C 69 -18.87 16.45 8.30
N LYS C 70 -19.39 15.26 8.60
CA LYS C 70 -19.46 14.20 7.60
C LYS C 70 -20.36 14.59 6.43
N ALA C 71 -21.50 15.21 6.74
CA ALA C 71 -22.47 15.54 5.69
C ALA C 71 -21.90 16.55 4.70
N ARG C 72 -21.19 17.57 5.20
CA ARG C 72 -20.63 18.58 4.33
C ARG C 72 -19.30 18.18 3.71
N LYS C 73 -18.79 16.99 4.05
CA LYS C 73 -17.54 16.48 3.48
C LYS C 73 -16.36 17.40 3.78
N SER C 74 -16.32 17.93 5.00
CA SER C 74 -15.25 18.83 5.39
C SER C 74 -14.88 18.61 6.85
N ALA C 75 -13.59 18.72 7.15
CA ALA C 75 -13.09 18.59 8.53
C ALA C 75 -11.93 19.56 8.68
N ASN C 76 -12.22 20.74 9.22
CA ASN C 76 -11.23 21.80 9.37
C ASN C 76 -10.51 21.65 10.70
N LEU C 77 -9.20 21.46 10.65
CA LEU C 77 -8.40 21.41 11.87
C LEU C 77 -8.44 22.77 12.57
N VAL C 78 -8.52 22.74 13.89
CA VAL C 78 -8.59 23.96 14.68
C VAL C 78 -7.44 23.95 15.67
N ILE C 79 -6.57 24.94 15.58
CA ILE C 79 -5.47 25.13 16.52
C ILE C 79 -5.86 26.25 17.47
N SER C 80 -5.85 25.96 18.76
CA SER C 80 -6.20 26.94 19.78
C SER C 80 -4.94 27.38 20.51
N ALA C 81 -4.83 28.70 20.74
CA ALA C 81 -3.68 29.29 21.40
C ALA C 81 -2.39 28.96 20.63
N SER C 82 -2.33 29.45 19.39
CA SER C 82 -1.21 29.15 18.52
C SER C 82 0.06 29.82 19.03
N GLN C 83 1.15 29.07 19.07
CA GLN C 83 2.46 29.59 19.43
C GLN C 83 3.34 29.72 18.20
N LEU C 84 4.52 30.28 18.39
CA LEU C 84 5.45 30.47 17.29
C LEU C 84 5.93 29.15 16.70
N GLY C 85 5.88 28.07 17.47
CA GLY C 85 6.31 26.79 16.95
C GLY C 85 5.36 26.13 15.98
N ASP C 86 4.16 26.67 15.82
CA ASP C 86 3.14 26.10 14.96
C ASP C 86 3.24 26.59 13.53
N SER C 87 4.39 27.09 13.11
CA SER C 87 4.59 27.58 11.75
C SER C 87 5.20 26.46 10.92
N ALA C 88 4.39 25.80 10.10
CA ALA C 88 4.85 24.63 9.36
C ALA C 88 3.86 24.32 8.25
N MET C 89 4.25 23.38 7.40
CA MET C 89 3.34 22.77 6.43
C MET C 89 2.30 21.93 7.16
N TYR C 90 1.05 22.02 6.73
CA TYR C 90 -0.03 21.22 7.31
C TYR C 90 -0.72 20.45 6.20
N PHE C 91 -0.75 19.12 6.33
CA PHE C 91 -1.35 18.24 5.34
C PHE C 91 -2.56 17.54 5.94
N CYS C 92 -3.56 17.28 5.10
CA CYS C 92 -4.80 16.64 5.49
C CYS C 92 -4.94 15.37 4.67
N ALA C 93 -4.43 14.27 5.20
CA ALA C 93 -4.46 12.99 4.52
C ALA C 93 -5.68 12.18 4.94
N MET C 94 -6.05 11.22 4.10
CA MET C 94 -7.22 10.39 4.37
C MET C 94 -6.93 8.96 3.97
N ARG C 95 -7.31 8.03 4.84
CA ARG C 95 -7.22 6.61 4.56
C ARG C 95 -8.62 6.02 4.58
N ARG C 96 -8.94 5.20 3.58
CA ARG C 96 -10.24 4.59 3.47
C ARG C 96 -10.19 3.12 3.86
N ASN C 97 -11.32 2.61 4.33
CA ASN C 97 -11.38 1.22 4.75
C ASN C 97 -11.12 0.28 3.59
N THR C 98 -11.68 0.58 2.42
CA THR C 98 -11.48 -0.21 1.21
C THR C 98 -10.63 0.56 0.20
N GLY C 99 -9.63 1.28 0.69
CA GLY C 99 -8.85 2.15 -0.16
C GLY C 99 -7.46 1.66 -0.48
N ARG C 100 -6.49 2.57 -0.41
CA ARG C 100 -5.12 2.30 -0.84
C ARG C 100 -4.27 1.69 0.26
N ARG C 101 -4.77 1.62 1.50
CA ARG C 101 -4.02 1.07 2.62
C ARG C 101 -2.77 1.90 2.90
N ALA C 102 -2.70 3.10 2.30
CA ALA C 102 -1.61 4.02 2.54
C ALA C 102 -2.15 5.44 2.44
N LEU C 103 -1.43 6.36 3.07
CA LEU C 103 -1.92 7.73 3.18
C LEU C 103 -1.92 8.42 1.82
N THR C 104 -2.83 9.39 1.67
CA THR C 104 -2.94 10.21 0.47
C THR C 104 -3.06 11.66 0.90
N PHE C 105 -2.01 12.42 0.68
CA PHE C 105 -1.93 13.78 1.21
C PHE C 105 -2.54 14.79 0.26
N GLY C 106 -3.12 15.84 0.86
CA GLY C 106 -3.60 16.97 0.09
C GLY C 106 -2.47 17.93 -0.25
N SER C 107 -2.85 19.04 -0.88
CA SER C 107 -1.85 19.99 -1.34
C SER C 107 -1.09 20.63 -0.17
N GLY C 108 -1.71 20.74 0.98
CA GLY C 108 -1.07 21.34 2.13
C GLY C 108 -1.28 22.84 2.20
N THR C 109 -1.14 23.38 3.41
CA THR C 109 -1.38 24.79 3.66
C THR C 109 -0.29 25.33 4.57
N ARG C 110 0.44 26.35 4.10
CA ARG C 110 1.47 26.98 4.91
C ARG C 110 0.82 27.82 6.00
N LEU C 111 1.32 27.67 7.22
CA LEU C 111 0.88 28.50 8.34
C LEU C 111 2.08 29.29 8.85
N GLN C 112 1.90 30.59 8.99
CA GLN C 112 2.97 31.50 9.42
C GLN C 112 2.42 32.35 10.56
N VAL C 113 2.56 31.84 11.78
CA VAL C 113 2.14 32.60 12.95
C VAL C 113 3.12 33.75 13.18
N GLN C 114 2.59 34.93 13.41
CA GLN C 114 3.43 36.10 13.60
C GLN C 114 3.35 36.60 15.03
N PRO C 115 4.42 37.19 15.55
CA PRO C 115 4.41 37.70 16.91
C PRO C 115 3.64 39.00 17.02
N ASN C 116 3.28 39.32 18.26
CA ASN C 116 2.60 40.58 18.57
C ASN C 116 3.66 41.57 19.05
N ILE C 117 4.08 42.45 18.15
CA ILE C 117 5.12 43.44 18.47
C ILE C 117 4.49 44.52 19.32
N GLN C 118 4.92 44.62 20.58
CA GLN C 118 4.34 45.60 21.49
C GLN C 118 4.81 47.02 21.14
N ASN C 119 6.11 47.18 20.88
CA ASN C 119 6.71 48.50 20.65
C ASN C 119 7.52 48.46 19.36
N PRO C 120 6.86 48.67 18.22
CA PRO C 120 7.60 48.72 16.95
C PRO C 120 8.61 49.86 16.95
N ASP C 121 9.76 49.61 16.33
CA ASP C 121 10.81 50.61 16.22
C ASP C 121 11.63 50.33 14.97
N PRO C 122 11.03 50.47 13.78
CA PRO C 122 11.73 50.07 12.56
C PRO C 122 12.99 50.89 12.34
N ALA C 123 14.04 50.22 11.87
CA ALA C 123 15.31 50.87 11.62
C ALA C 123 16.15 49.98 10.73
N VAL C 124 17.18 50.57 10.13
CA VAL C 124 18.12 49.85 9.28
C VAL C 124 19.51 50.11 9.82
N TYR C 125 20.19 49.04 10.24
CA TYR C 125 21.50 49.13 10.86
C TYR C 125 22.51 48.48 9.92
N GLN C 126 23.67 49.12 9.76
CA GLN C 126 24.71 48.62 8.87
C GLN C 126 25.68 47.77 9.67
N LEU C 127 25.80 46.50 9.32
CA LEU C 127 26.68 45.56 10.00
C LEU C 127 27.98 45.48 9.21
N ARG C 128 29.10 45.54 9.92
CA ARG C 128 30.41 45.49 9.29
C ARG C 128 31.06 44.13 9.54
N ASP C 129 31.74 43.61 8.52
CA ASP C 129 32.32 42.28 8.62
C ASP C 129 33.41 42.25 9.68
N SER C 130 33.63 41.05 10.22
CA SER C 130 34.64 40.89 11.27
C SER C 130 36.05 41.02 10.71
N LYS C 131 36.31 40.46 9.54
CA LYS C 131 37.68 40.41 9.02
C LYS C 131 37.98 41.58 8.08
N SER C 132 37.24 41.69 6.99
CA SER C 132 37.47 42.72 5.98
C SER C 132 36.33 43.72 6.02
N SER C 133 36.66 44.97 6.38
CA SER C 133 35.64 46.00 6.52
C SER C 133 34.97 46.34 5.19
N ASP C 134 35.58 46.01 4.06
CA ASP C 134 34.98 46.33 2.77
C ASP C 134 33.67 45.59 2.58
N LYS C 135 33.61 44.32 2.97
CA LYS C 135 32.36 43.56 2.90
C LYS C 135 31.44 43.99 4.03
N PHE C 136 30.17 44.19 3.71
CA PHE C 136 29.22 44.65 4.70
C PHE C 136 27.82 44.23 4.28
N VAL C 137 26.98 43.99 5.28
CA VAL C 137 25.57 43.69 5.07
C VAL C 137 24.80 44.50 6.09
N CYS C 138 23.58 44.91 5.76
CA CYS C 138 22.85 45.72 6.72
C CYS C 138 21.44 45.18 6.88
N LEU C 139 20.89 45.43 8.07
CA LEU C 139 19.74 44.69 8.59
C LEU C 139 18.59 45.65 8.87
N PHE C 140 17.38 45.27 8.43
CA PHE C 140 16.16 45.98 8.74
C PHE C 140 15.41 45.19 9.80
N THR C 141 15.19 45.80 10.96
CA THR C 141 14.73 45.03 12.11
C THR C 141 13.77 45.85 12.96
N ASP C 142 13.14 45.16 13.92
CA ASP C 142 12.27 45.77 14.92
C ASP C 142 11.07 46.48 14.28
N PHE C 143 10.52 45.89 13.24
CA PHE C 143 9.35 46.45 12.58
C PHE C 143 8.10 45.66 12.97
N ASP C 144 6.95 46.22 12.60
CA ASP C 144 5.68 45.62 12.96
C ASP C 144 5.47 44.31 12.19
N SER C 145 4.61 43.46 12.75
CA SER C 145 4.38 42.15 12.15
C SER C 145 3.65 42.25 10.82
N GLN C 146 2.79 43.27 10.66
CA GLN C 146 1.92 43.31 9.50
C GLN C 146 2.68 43.61 8.21
N ILE C 147 3.74 44.41 8.27
CA ILE C 147 4.40 44.88 7.06
C ILE C 147 5.30 43.79 6.50
N ASN C 148 5.20 43.55 5.20
CA ASN C 148 6.00 42.55 4.51
C ASN C 148 7.15 43.21 3.77
N VAL C 149 8.17 42.40 3.48
CA VAL C 149 9.35 42.82 2.72
C VAL C 149 9.43 41.96 1.47
N SER C 150 9.60 42.60 0.31
CA SER C 150 9.61 41.91 -0.96
C SER C 150 11.01 41.91 -1.55
N GLN C 151 11.30 40.88 -2.33
CA GLN C 151 12.60 40.77 -3.00
C GLN C 151 12.77 41.89 -4.02
N SER C 152 14.00 42.35 -4.15
CA SER C 152 14.29 43.44 -5.08
C SER C 152 14.09 42.99 -6.52
N LYS C 153 13.72 43.95 -7.37
CA LYS C 153 13.59 43.65 -8.79
C LYS C 153 14.94 43.35 -9.42
N ASP C 154 16.02 43.89 -8.85
CA ASP C 154 17.35 43.59 -9.36
C ASP C 154 17.73 42.15 -9.03
N SER C 155 18.50 41.54 -9.93
CA SER C 155 18.86 40.14 -9.80
C SER C 155 20.14 39.92 -9.00
N ASP C 156 20.81 40.99 -8.58
CA ASP C 156 22.04 40.86 -7.81
C ASP C 156 21.85 41.15 -6.34
N VAL C 157 20.94 42.04 -5.98
CA VAL C 157 20.69 42.33 -4.57
C VAL C 157 19.96 41.16 -3.93
N TYR C 158 20.48 40.67 -2.82
CA TYR C 158 19.91 39.55 -2.09
C TYR C 158 19.16 40.06 -0.87
N ILE C 159 17.90 39.66 -0.73
CA ILE C 159 17.07 40.07 0.39
C ILE C 159 16.42 38.81 0.96
N THR C 160 16.66 38.56 2.24
CA THR C 160 16.10 37.38 2.89
C THR C 160 14.63 37.61 3.19
N ASP C 161 14.03 36.69 3.94
CA ASP C 161 12.62 36.77 4.26
C ASP C 161 12.41 37.28 5.68
N LYS C 162 11.23 37.84 5.91
CA LYS C 162 10.84 38.25 7.25
C LYS C 162 10.88 37.05 8.18
N CYS C 163 11.80 37.05 9.13
CA CYS C 163 11.97 35.94 10.05
C CYS C 163 11.85 36.43 11.48
N VAL C 164 11.06 35.71 12.28
CA VAL C 164 10.76 36.09 13.65
C VAL C 164 11.80 35.49 14.57
N LEU C 165 12.39 36.33 15.41
CA LEU C 165 13.44 35.92 16.33
C LEU C 165 12.96 36.13 17.75
N ASP C 166 13.13 35.11 18.59
CA ASP C 166 12.59 35.11 19.94
C ASP C 166 13.70 34.85 20.95
N MET C 167 13.70 35.61 22.04
CA MET C 167 14.66 35.46 23.13
C MET C 167 13.90 35.12 24.39
N ARG C 168 14.20 33.96 24.99
CA ARG C 168 13.55 33.55 26.23
C ARG C 168 14.15 34.20 27.46
N SER C 169 15.27 34.91 27.32
CA SER C 169 15.89 35.53 28.49
C SER C 169 15.05 36.69 29.00
N MET C 170 14.85 37.72 28.18
CA MET C 170 14.01 38.85 28.53
C MET C 170 12.62 38.78 27.93
N ASP C 171 12.27 37.64 27.33
CA ASP C 171 10.95 37.44 26.71
C ASP C 171 10.68 38.51 25.65
N PHE C 172 11.51 38.49 24.61
CA PHE C 172 11.43 39.45 23.53
C PHE C 172 11.31 38.74 22.19
N LYS C 173 10.45 39.25 21.33
CA LYS C 173 10.30 38.79 19.96
C LYS C 173 10.38 39.99 19.03
N SER C 174 11.07 39.82 17.92
CA SER C 174 11.27 40.94 17.00
C SER C 174 11.51 40.41 15.59
N ASN C 175 10.76 40.95 14.64
CA ASN C 175 10.95 40.62 13.24
C ASN C 175 12.21 41.29 12.72
N SER C 176 12.86 40.65 11.75
CA SER C 176 14.05 41.23 11.15
C SER C 176 14.28 40.61 9.78
N ALA C 177 14.98 41.34 8.94
CA ALA C 177 15.35 40.88 7.61
C ALA C 177 16.70 41.44 7.26
N VAL C 178 17.48 40.67 6.50
CA VAL C 178 18.85 41.04 6.19
C VAL C 178 19.02 41.07 4.68
N ALA C 179 19.91 41.94 4.21
CA ALA C 179 20.07 42.16 2.78
C ALA C 179 21.49 42.60 2.47
N TRP C 180 22.07 41.98 1.45
CA TRP C 180 23.45 42.27 1.06
C TRP C 180 23.59 42.12 -0.45
N SER C 181 24.63 42.74 -0.99
CA SER C 181 24.91 42.69 -2.41
C SER C 181 26.38 42.98 -2.65
N ASN C 182 26.82 42.69 -3.87
CA ASN C 182 28.19 42.96 -4.29
C ASN C 182 28.32 44.20 -5.15
N LYS C 183 27.21 44.79 -5.57
CA LYS C 183 27.28 46.01 -6.37
C LYS C 183 27.80 47.17 -5.53
N SER C 184 28.75 47.92 -6.08
CA SER C 184 29.36 49.02 -5.33
C SER C 184 28.32 50.08 -4.99
N ASP C 185 27.46 50.42 -5.93
CA ASP C 185 26.43 51.43 -5.70
C ASP C 185 25.39 50.98 -4.68
N PHE C 186 25.33 49.69 -4.36
CA PHE C 186 24.29 49.20 -3.46
C PHE C 186 24.53 49.73 -2.06
N THR C 187 23.59 50.53 -1.57
CA THR C 187 23.56 50.93 -0.17
C THR C 187 22.15 50.78 0.35
N CYS C 188 22.02 50.42 1.62
CA CYS C 188 20.72 50.31 2.25
C CYS C 188 20.19 51.63 2.75
N ALA C 189 20.71 52.74 2.21
CA ALA C 189 19.88 53.92 2.11
C ALA C 189 18.70 53.67 1.18
N ASN C 190 18.86 52.73 0.23
CA ASN C 190 17.79 52.37 -0.69
C ASN C 190 17.75 50.87 -1.00
N ALA C 191 18.21 50.03 -0.08
CA ALA C 191 18.17 48.58 -0.35
C ALA C 191 16.74 48.08 -0.40
N PHE C 192 15.93 48.43 0.60
CA PHE C 192 14.56 47.98 0.68
C PHE C 192 13.61 48.92 -0.05
N ASN C 193 14.10 49.69 -1.02
CA ASN C 193 13.25 50.63 -1.75
C ASN C 193 12.14 49.90 -2.50
N ASN C 194 12.37 48.65 -2.89
CA ASN C 194 11.32 47.88 -3.55
C ASN C 194 10.17 47.61 -2.60
N SER C 195 10.48 47.20 -1.36
CA SER C 195 9.44 46.89 -0.40
C SER C 195 8.89 48.17 0.24
N ILE C 196 7.70 48.04 0.80
CA ILE C 196 7.12 49.13 1.57
C ILE C 196 7.88 49.28 2.89
N ILE C 197 8.07 50.51 3.32
CA ILE C 197 8.81 50.77 4.56
C ILE C 197 8.00 51.74 5.42
N PRO C 198 8.08 51.64 6.74
CA PRO C 198 7.45 52.65 7.58
C PRO C 198 8.17 53.98 7.45
N GLU C 199 7.41 55.07 7.61
CA GLU C 199 7.96 56.40 7.42
C GLU C 199 9.01 56.73 8.47
N ASP C 200 8.77 56.34 9.73
CA ASP C 200 9.67 56.68 10.82
C ASP C 200 10.82 55.69 10.96
N THR C 201 11.15 54.96 9.91
CA THR C 201 12.26 54.02 9.93
C THR C 201 13.57 54.74 10.21
N PHE C 202 14.18 54.47 11.35
CA PHE C 202 15.42 55.15 11.71
C PHE C 202 16.55 54.70 10.81
N PHE C 203 17.44 55.64 10.47
CA PHE C 203 18.62 55.37 9.68
C PHE C 203 19.86 55.86 10.43
N PRO C 204 21.02 55.24 10.19
CA PRO C 204 22.24 55.66 10.91
C PRO C 204 22.97 56.78 10.17
N GLU D 3 9.94 5.51 17.14
CA GLU D 3 10.71 6.33 16.21
C GLU D 3 11.30 5.49 15.08
N VAL D 4 11.66 6.15 13.99
CA VAL D 4 12.22 5.48 12.81
C VAL D 4 13.49 6.20 12.41
N THR D 5 14.56 5.44 12.17
CA THR D 5 15.81 6.00 11.70
C THR D 5 15.96 5.77 10.20
N GLN D 6 16.49 6.77 9.51
CA GLN D 6 16.51 6.75 8.05
C GLN D 6 17.87 7.21 7.52
N THR D 7 18.95 6.62 8.04
CA THR D 7 20.28 6.94 7.55
C THR D 7 20.41 6.53 6.08
N PRO D 8 21.16 7.30 5.28
CA PRO D 8 21.84 8.57 5.58
C PRO D 8 20.91 9.75 5.46
N LYS D 9 21.14 10.83 6.22
CA LYS D 9 20.25 11.98 6.18
C LYS D 9 20.45 12.81 4.94
N HIS D 10 21.63 12.80 4.34
CA HIS D 10 21.90 13.55 3.13
C HIS D 10 22.69 12.69 2.16
N LEU D 11 22.56 13.01 0.87
CA LEU D 11 23.19 12.20 -0.16
C LEU D 11 23.35 13.03 -1.43
N VAL D 12 24.55 13.02 -1.98
CA VAL D 12 24.84 13.64 -3.27
C VAL D 12 25.36 12.56 -4.19
N MET D 13 24.77 12.44 -5.37
CA MET D 13 25.01 11.30 -6.23
C MET D 13 25.26 11.73 -7.66
N GLY D 14 26.04 10.92 -8.37
CA GLY D 14 26.22 11.10 -9.80
C GLY D 14 25.25 10.26 -10.60
N MET D 15 25.50 10.21 -11.90
CA MET D 15 24.65 9.46 -12.82
C MET D 15 25.10 8.02 -13.01
N THR D 16 26.19 7.60 -12.35
CA THR D 16 26.67 6.23 -12.47
C THR D 16 26.96 5.57 -11.14
N ASN D 17 27.00 6.31 -10.04
CA ASN D 17 27.30 5.72 -8.75
C ASN D 17 26.12 4.90 -8.25
N LYS D 18 26.42 3.95 -7.35
CA LYS D 18 25.41 3.14 -6.69
C LYS D 18 25.42 3.45 -5.21
N LYS D 19 24.26 3.75 -4.65
CA LYS D 19 24.13 4.08 -3.24
C LYS D 19 22.95 3.32 -2.66
N SER D 20 22.80 3.42 -1.34
CA SER D 20 21.74 2.71 -0.64
C SER D 20 21.14 3.60 0.43
N LEU D 21 19.85 3.40 0.69
CA LEU D 21 19.11 4.12 1.72
C LEU D 21 18.56 3.10 2.70
N LYS D 22 18.90 3.25 3.98
CA LYS D 22 18.49 2.31 5.01
C LYS D 22 17.48 2.96 5.94
N CYS D 23 16.30 2.36 6.05
CA CYS D 23 15.30 2.77 7.00
C CYS D 23 15.08 1.64 8.00
N GLU D 24 15.10 1.98 9.29
CA GLU D 24 15.11 0.96 10.33
C GLU D 24 14.25 1.41 11.49
N GLN D 25 13.31 0.56 11.89
CA GLN D 25 12.44 0.81 13.02
C GLN D 25 12.43 -0.42 13.92
N HIS D 26 12.42 -0.19 15.23
CA HIS D 26 12.47 -1.29 16.18
C HIS D 26 11.18 -1.47 16.96
N MET D 27 10.13 -0.71 16.64
CA MET D 27 8.82 -0.97 17.20
C MET D 27 8.16 -2.21 16.60
N GLY D 28 8.75 -2.78 15.55
CA GLY D 28 8.27 -4.04 14.98
C GLY D 28 6.84 -3.96 14.49
N HIS D 29 6.52 -2.91 13.73
CA HIS D 29 5.13 -2.66 13.38
C HIS D 29 4.52 -3.77 12.56
N ARG D 30 4.96 -3.90 11.30
CA ARG D 30 4.47 -4.78 10.24
C ARG D 30 4.76 -4.16 8.89
N ALA D 31 3.94 -3.17 8.51
CA ALA D 31 4.04 -2.55 7.20
C ALA D 31 5.03 -1.39 7.23
N MET D 32 5.77 -1.24 6.12
CA MET D 32 6.69 -0.14 5.91
C MET D 32 6.40 0.50 4.56
N TYR D 33 6.63 1.80 4.46
CA TYR D 33 6.31 2.55 3.25
C TYR D 33 7.52 3.36 2.82
N TRP D 34 7.52 3.74 1.54
CA TRP D 34 8.51 4.66 0.99
C TRP D 34 7.77 5.79 0.31
N TYR D 35 8.06 7.02 0.71
CA TYR D 35 7.44 8.20 0.13
C TYR D 35 8.51 9.08 -0.51
N LYS D 36 8.12 9.76 -1.58
CA LYS D 36 9.00 10.71 -2.26
C LYS D 36 8.28 12.04 -2.35
N GLN D 37 8.91 13.09 -1.85
CA GLN D 37 8.33 14.43 -1.85
C GLN D 37 9.22 15.36 -2.66
N LYS D 38 8.65 15.99 -3.67
CA LYS D 38 9.38 16.93 -4.50
C LYS D 38 9.38 18.30 -3.83
N ALA D 39 9.81 19.32 -4.57
CA ALA D 39 9.90 20.66 -4.01
C ALA D 39 8.51 21.27 -3.89
N LYS D 40 8.12 21.61 -2.66
CA LYS D 40 6.83 22.25 -2.37
C LYS D 40 5.67 21.44 -2.94
N LYS D 41 5.66 20.15 -2.63
CA LYS D 41 4.63 19.24 -3.09
C LYS D 41 4.28 18.28 -1.97
N PRO D 42 3.07 17.73 -1.97
CA PRO D 42 2.73 16.70 -1.00
C PRO D 42 3.54 15.44 -1.26
N PRO D 43 3.83 14.67 -0.22
CA PRO D 43 4.52 13.39 -0.45
C PRO D 43 3.70 12.46 -1.32
N GLU D 44 4.40 11.71 -2.16
CA GLU D 44 3.78 10.74 -3.06
C GLU D 44 4.27 9.35 -2.71
N LEU D 45 3.35 8.39 -2.68
CA LEU D 45 3.73 7.03 -2.33
C LEU D 45 4.57 6.41 -3.42
N MET D 46 5.58 5.64 -3.01
CA MET D 46 6.43 4.90 -3.93
C MET D 46 6.30 3.39 -3.75
N PHE D 47 6.51 2.89 -2.54
CA PHE D 47 6.45 1.45 -2.28
C PHE D 47 5.73 1.21 -0.97
N VAL D 48 5.12 0.04 -0.84
CA VAL D 48 4.52 -0.41 0.41
C VAL D 48 4.94 -1.86 0.63
N TYR D 49 5.51 -2.14 1.79
CA TYR D 49 5.92 -3.49 2.14
C TYR D 49 5.07 -3.98 3.30
N SER D 50 4.27 -5.01 3.07
CA SER D 50 3.42 -5.60 4.09
C SER D 50 3.93 -6.98 4.42
N TYR D 51 4.23 -7.23 5.69
CA TYR D 51 4.76 -8.50 6.15
C TYR D 51 5.99 -8.90 5.35
N GLU D 52 6.89 -7.93 5.16
CA GLU D 52 8.16 -8.13 4.46
C GLU D 52 7.95 -8.56 3.01
N LYS D 53 6.83 -8.18 2.41
CA LYS D 53 6.54 -8.47 1.02
C LYS D 53 6.04 -7.21 0.33
N LEU D 54 6.53 -6.96 -0.88
CA LEU D 54 6.15 -5.77 -1.62
C LEU D 54 4.69 -5.89 -2.05
N SER D 55 3.85 -4.97 -1.60
CA SER D 55 2.42 -5.04 -1.88
C SER D 55 1.93 -3.96 -2.82
N ILE D 56 2.62 -2.82 -2.92
CA ILE D 56 2.23 -1.74 -3.81
C ILE D 56 3.48 -1.23 -4.52
N ASN D 57 3.41 -1.14 -5.85
CA ASN D 57 4.46 -0.53 -6.65
C ASN D 57 3.79 0.49 -7.56
N GLU D 58 3.93 1.78 -7.21
CA GLU D 58 3.22 2.84 -7.91
C GLU D 58 4.01 3.31 -9.13
N SER D 59 4.24 2.37 -10.05
CA SER D 59 4.86 2.64 -11.35
C SER D 59 6.23 3.29 -11.19
N VAL D 60 6.95 2.95 -10.14
CA VAL D 60 8.29 3.49 -9.93
C VAL D 60 9.24 2.85 -10.93
N PRO D 61 10.11 3.62 -11.60
CA PRO D 61 11.05 3.02 -12.56
C PRO D 61 11.97 2.02 -11.90
N SER D 62 12.68 1.27 -12.74
CA SER D 62 13.45 0.13 -12.26
C SER D 62 14.78 0.51 -11.64
N ARG D 63 15.18 1.77 -11.69
CA ARG D 63 16.44 2.16 -11.05
C ARG D 63 16.35 1.98 -9.54
N PHE D 64 15.22 2.33 -8.94
CA PHE D 64 15.02 2.09 -7.52
C PHE D 64 14.78 0.61 -7.28
N SER D 65 15.52 0.03 -6.32
CA SER D 65 15.44 -1.40 -6.02
C SER D 65 15.23 -1.58 -4.53
N PRO D 66 13.98 -1.52 -4.06
CA PRO D 66 13.71 -1.71 -2.64
C PRO D 66 13.93 -3.16 -2.22
N GLU D 67 14.12 -3.35 -0.92
CA GLU D 67 14.39 -4.66 -0.37
C GLU D 67 14.17 -4.62 1.13
N CYS D 68 13.59 -5.69 1.66
CA CYS D 68 13.21 -5.78 3.08
C CYS D 68 13.77 -7.07 3.66
N PRO D 69 15.06 -7.09 4.01
CA PRO D 69 15.67 -8.33 4.50
C PRO D 69 15.07 -8.84 5.80
N ASN D 70 15.09 -8.01 6.85
CA ASN D 70 14.51 -8.38 8.13
C ASN D 70 13.06 -7.94 8.18
N SER D 71 12.44 -8.08 9.34
CA SER D 71 11.12 -7.51 9.56
C SER D 71 11.20 -6.12 10.18
N SER D 72 12.40 -5.65 10.52
CA SER D 72 12.61 -4.36 11.14
C SER D 72 13.62 -3.56 10.33
N LEU D 73 13.63 -3.75 9.02
CA LEU D 73 14.59 -3.10 8.15
C LEU D 73 14.00 -2.98 6.76
N LEU D 74 14.36 -1.91 6.06
CA LEU D 74 13.85 -1.70 4.71
C LEU D 74 14.85 -0.84 3.95
N ASN D 75 15.66 -1.46 3.11
CA ASN D 75 16.65 -0.74 2.33
C ASN D 75 16.05 -0.28 1.01
N LEU D 76 16.79 0.60 0.33
CA LEU D 76 16.42 1.06 -1.00
C LEU D 76 17.71 1.31 -1.76
N HIS D 77 17.97 0.50 -2.78
CA HIS D 77 19.20 0.60 -3.56
C HIS D 77 18.95 1.39 -4.83
N LEU D 78 19.84 2.33 -5.12
CA LEU D 78 19.73 3.20 -6.27
C LEU D 78 20.99 3.06 -7.13
N HIS D 79 20.82 3.16 -8.44
CA HIS D 79 21.98 3.18 -9.33
C HIS D 79 21.57 3.78 -10.66
N ALA D 80 22.45 4.61 -11.21
CA ALA D 80 22.24 5.26 -12.50
C ALA D 80 20.94 6.06 -12.50
N LEU D 81 20.88 7.06 -11.62
CA LEU D 81 19.71 7.91 -11.51
C LEU D 81 19.75 8.99 -12.58
N GLN D 82 18.75 9.87 -12.56
CA GLN D 82 18.63 10.96 -13.50
C GLN D 82 18.36 12.25 -12.75
N PRO D 83 18.72 13.40 -13.32
CA PRO D 83 18.67 14.65 -12.55
C PRO D 83 17.30 14.96 -11.98
N GLU D 84 16.22 14.54 -12.63
CA GLU D 84 14.89 14.80 -12.12
C GLU D 84 14.55 13.97 -10.89
N ASP D 85 15.34 12.94 -10.58
CA ASP D 85 15.11 12.08 -9.42
C ASP D 85 15.63 12.67 -8.13
N SER D 86 15.93 13.96 -8.09
CA SER D 86 16.38 14.62 -6.87
C SER D 86 15.19 15.13 -6.10
N ALA D 87 15.00 14.62 -4.89
CA ALA D 87 13.85 14.98 -4.06
C ALA D 87 14.13 14.50 -2.64
N LEU D 88 13.12 14.56 -1.79
CA LEU D 88 13.23 14.11 -0.41
C LEU D 88 12.52 12.77 -0.28
N TYR D 89 13.21 11.77 0.24
CA TYR D 89 12.69 10.42 0.35
C TYR D 89 12.42 10.10 1.81
N LEU D 90 11.17 9.77 2.11
CA LEU D 90 10.73 9.50 3.48
C LEU D 90 10.36 8.04 3.64
N CYS D 91 10.75 7.45 4.76
CA CYS D 91 10.34 6.11 5.12
C CYS D 91 9.30 6.19 6.22
N ALA D 92 8.24 5.39 6.09
CA ALA D 92 7.15 5.40 7.05
C ALA D 92 6.82 3.99 7.48
N SER D 93 6.32 3.87 8.71
CA SER D 93 5.94 2.59 9.28
C SER D 93 4.57 2.71 9.92
N SER D 94 3.86 1.58 9.98
CA SER D 94 2.52 1.57 10.55
C SER D 94 2.16 0.14 10.94
N HIS D 95 1.24 0.01 11.89
CA HIS D 95 0.74 -1.29 12.27
C HIS D 95 -0.11 -1.88 11.16
N LEU D 96 -0.36 -3.17 11.25
CA LEU D 96 -1.33 -3.85 10.39
C LEU D 96 -2.28 -4.65 11.26
N GLY D 97 -3.18 -5.39 10.61
CA GLY D 97 -4.27 -6.01 11.32
C GLY D 97 -3.80 -7.04 12.32
N LEU D 98 -4.66 -7.27 13.32
CA LEU D 98 -4.53 -8.28 14.34
C LEU D 98 -3.35 -8.04 15.27
N ALA D 99 -2.58 -6.98 15.07
CA ALA D 99 -1.45 -6.67 15.94
C ALA D 99 -1.45 -5.24 16.44
N GLY D 100 -2.12 -4.31 15.76
CA GLY D 100 -2.16 -2.94 16.22
C GLY D 100 -3.10 -2.71 17.38
N GLY D 101 -3.86 -3.72 17.76
CA GLY D 101 -4.78 -3.62 18.86
C GLY D 101 -6.20 -3.36 18.38
N ILE D 102 -7.05 -3.00 19.33
CA ILE D 102 -8.45 -2.71 19.01
C ILE D 102 -8.55 -1.49 18.10
N ASP D 103 -7.79 -0.45 18.41
CA ASP D 103 -7.86 0.80 17.65
C ASP D 103 -7.24 0.57 16.27
N GLY D 104 -8.10 0.46 15.26
CA GLY D 104 -7.63 0.20 13.92
C GLY D 104 -7.27 1.44 13.15
N THR D 105 -6.69 2.43 13.84
CA THR D 105 -6.31 3.67 13.16
C THR D 105 -5.24 3.41 12.11
N ASP D 106 -4.26 2.58 12.43
CA ASP D 106 -3.11 2.32 11.55
C ASP D 106 -2.41 3.63 11.18
N THR D 107 -2.10 4.42 12.20
CA THR D 107 -1.37 5.66 11.97
C THR D 107 0.01 5.36 11.41
N GLN D 108 0.47 6.23 10.52
CA GLN D 108 1.79 6.09 9.92
C GLN D 108 2.77 7.00 10.62
N TYR D 109 3.93 6.46 10.98
CA TYR D 109 4.99 7.22 11.61
C TYR D 109 6.15 7.37 10.63
N PHE D 110 6.48 8.61 10.29
CA PHE D 110 7.50 8.88 9.31
C PHE D 110 8.88 9.00 9.97
N GLY D 111 9.91 8.97 9.15
CA GLY D 111 11.25 9.14 9.61
C GLY D 111 11.87 10.40 9.04
N PRO D 112 13.01 10.81 9.60
CA PRO D 112 13.71 11.98 9.04
C PRO D 112 14.17 11.69 7.62
N GLY D 113 13.62 12.41 6.66
CA GLY D 113 13.84 12.08 5.27
C GLY D 113 15.28 12.26 4.85
N THR D 114 15.59 11.70 3.69
CA THR D 114 16.92 11.80 3.08
C THR D 114 16.84 12.78 1.91
N ARG D 115 17.62 13.85 1.98
CA ARG D 115 17.64 14.86 0.93
C ARG D 115 18.59 14.39 -0.17
N LEU D 116 18.06 13.61 -1.10
CA LEU D 116 18.85 13.08 -2.20
C LEU D 116 18.86 14.09 -3.33
N THR D 117 20.04 14.61 -3.65
CA THR D 117 20.23 15.52 -4.77
C THR D 117 21.23 14.88 -5.72
N VAL D 118 20.74 14.41 -6.84
CA VAL D 118 21.61 13.78 -7.83
C VAL D 118 22.10 14.85 -8.79
N LEU D 119 23.25 14.60 -9.41
CA LEU D 119 23.90 15.58 -10.26
C LEU D 119 24.51 14.89 -11.47
N GLU D 120 24.32 15.48 -12.64
CA GLU D 120 24.96 14.98 -13.85
C GLU D 120 26.38 15.48 -14.01
N ASP D 121 26.79 16.49 -13.25
CA ASP D 121 28.13 17.03 -13.32
C ASP D 121 28.62 17.30 -11.91
N LEU D 122 29.65 16.58 -11.49
CA LEU D 122 30.17 16.72 -10.14
C LEU D 122 30.88 18.03 -9.91
N LYS D 123 31.15 18.80 -10.97
CA LYS D 123 31.86 20.06 -10.83
C LYS D 123 31.03 21.10 -10.08
N ASN D 124 29.71 20.93 -10.01
CA ASN D 124 28.86 21.98 -9.45
C ASN D 124 28.95 22.06 -7.93
N VAL D 125 29.25 20.95 -7.26
CA VAL D 125 29.25 20.95 -5.80
C VAL D 125 30.36 21.85 -5.28
N PHE D 126 30.01 22.77 -4.39
CA PHE D 126 30.94 23.72 -3.81
C PHE D 126 30.76 23.76 -2.31
N PRO D 127 31.81 24.07 -1.55
CA PRO D 127 31.67 24.22 -0.11
C PRO D 127 31.30 25.65 0.23
N PRO D 128 30.51 25.84 1.29
CA PRO D 128 30.11 27.20 1.65
C PRO D 128 31.27 28.04 2.16
N GLU D 129 31.16 29.34 1.96
CA GLU D 129 32.05 30.32 2.57
C GLU D 129 31.24 31.13 3.56
N VAL D 130 31.65 31.11 4.82
CA VAL D 130 30.87 31.74 5.88
C VAL D 130 31.63 32.94 6.42
N ALA D 131 30.88 33.88 6.99
CA ALA D 131 31.46 35.05 7.62
C ALA D 131 30.50 35.54 8.69
N VAL D 132 31.05 36.26 9.67
CA VAL D 132 30.29 36.76 10.80
C VAL D 132 30.41 38.28 10.84
N PHE D 133 29.27 38.95 10.96
CA PHE D 133 29.23 40.40 10.96
C PHE D 133 28.90 40.89 12.37
N GLU D 134 29.75 41.77 12.89
CA GLU D 134 29.59 42.29 14.23
C GLU D 134 28.45 43.31 14.28
N PRO D 135 27.82 43.48 15.44
CA PRO D 135 26.70 44.40 15.54
C PRO D 135 27.11 45.85 15.32
N SER D 136 26.17 46.63 14.80
CA SER D 136 26.41 48.04 14.58
C SER D 136 26.34 48.82 15.89
N LYS D 137 27.03 49.95 15.92
CA LYS D 137 26.95 50.82 17.09
C LYS D 137 25.58 51.48 17.21
N ALA D 138 24.84 51.57 16.10
CA ALA D 138 23.50 52.13 16.16
C ALA D 138 22.56 51.23 16.96
N GLU D 139 22.65 49.91 16.75
CA GLU D 139 21.74 48.99 17.41
C GLU D 139 21.94 48.99 18.93
N ILE D 140 23.19 48.81 19.36
CA ILE D 140 23.43 48.69 20.80
C ILE D 140 23.18 50.00 21.53
N SER D 141 23.19 51.12 20.81
CA SER D 141 22.93 52.41 21.44
C SER D 141 21.46 52.55 21.81
N ARG D 142 20.57 52.18 20.89
CA ARG D 142 19.14 52.45 21.07
C ARG D 142 18.42 51.28 21.71
N THR D 143 18.56 50.08 21.14
CA THR D 143 17.81 48.93 21.64
C THR D 143 18.50 48.23 22.81
N GLN D 144 19.72 48.61 23.15
CA GLN D 144 20.49 47.96 24.21
C GLN D 144 20.64 46.46 23.96
N LYS D 145 20.65 46.08 22.69
CA LYS D 145 20.82 44.69 22.29
C LYS D 145 21.69 44.63 21.05
N ALA D 146 22.40 43.52 20.89
CA ALA D 146 23.32 43.32 19.79
C ALA D 146 22.83 42.18 18.93
N THR D 147 22.99 42.31 17.61
CA THR D 147 22.50 41.32 16.65
C THR D 147 23.65 40.85 15.77
N LEU D 148 24.25 39.72 16.14
CA LEU D 148 25.23 39.07 15.28
C LEU D 148 24.51 38.47 14.07
N VAL D 149 25.13 38.58 12.90
CA VAL D 149 24.59 38.02 11.67
C VAL D 149 25.66 37.15 11.03
N CYS D 150 25.31 35.89 10.78
CA CYS D 150 26.20 34.97 10.07
C CYS D 150 25.66 34.76 8.66
N LEU D 151 26.55 34.69 7.69
CA LEU D 151 26.17 34.63 6.29
C LEU D 151 26.96 33.52 5.61
N ALA D 152 26.26 32.47 5.19
CA ALA D 152 26.88 31.36 4.47
C ALA D 152 26.47 31.45 3.02
N THR D 153 27.43 31.70 2.14
CA THR D 153 27.15 32.00 0.75
C THR D 153 27.86 31.03 -0.18
N GLY D 154 27.26 30.85 -1.35
CA GLY D 154 27.92 30.15 -2.44
C GLY D 154 27.97 28.65 -2.34
N PHE D 155 27.17 28.04 -1.48
CA PHE D 155 27.18 26.59 -1.34
C PHE D 155 26.16 25.94 -2.26
N TYR D 156 26.46 24.71 -2.65
CA TYR D 156 25.59 23.89 -3.47
C TYR D 156 26.03 22.44 -3.34
N PRO D 157 25.10 21.49 -3.16
CA PRO D 157 23.64 21.65 -3.11
C PRO D 157 23.19 22.26 -1.80
N PRO D 158 21.97 22.80 -1.74
CA PRO D 158 21.54 23.46 -0.50
C PRO D 158 21.22 22.49 0.62
N HIS D 159 22.25 21.87 1.19
CA HIS D 159 22.11 20.99 2.34
C HIS D 159 23.15 21.43 3.37
N VAL D 160 22.77 22.38 4.21
CA VAL D 160 23.64 22.88 5.27
C VAL D 160 22.86 22.94 6.57
N GLU D 161 23.58 22.82 7.68
CA GLU D 161 23.02 22.96 9.01
C GLU D 161 23.79 24.05 9.73
N LEU D 162 23.17 25.20 9.92
CA LEU D 162 23.80 26.33 10.58
C LEU D 162 23.56 26.26 12.08
N SER D 163 24.59 26.59 12.86
CA SER D 163 24.48 26.57 14.30
C SER D 163 25.37 27.66 14.87
N TRP D 164 25.01 28.13 16.06
CA TRP D 164 25.76 29.14 16.77
C TRP D 164 26.41 28.53 17.99
N TRP D 165 27.66 28.90 18.26
CA TRP D 165 28.38 28.41 19.41
C TRP D 165 28.94 29.60 20.17
N VAL D 166 28.48 29.80 21.40
CA VAL D 166 28.94 30.88 22.26
C VAL D 166 29.76 30.25 23.39
N ASN D 167 31.00 30.72 23.54
CA ASN D 167 31.92 30.18 24.55
C ASN D 167 32.05 28.67 24.42
N GLY D 168 32.15 28.20 23.18
CA GLY D 168 32.31 26.78 22.93
C GLY D 168 31.12 25.93 23.30
N LYS D 169 29.95 26.55 23.47
CA LYS D 169 28.75 25.82 23.83
C LYS D 169 27.65 26.15 22.83
N GLU D 170 27.04 25.13 22.25
CA GLU D 170 25.95 25.34 21.31
C GLU D 170 24.78 26.01 22.03
N VAL D 171 24.14 26.94 21.34
CA VAL D 171 23.06 27.73 21.93
C VAL D 171 21.80 27.57 21.10
N HIS D 172 20.66 27.85 21.74
CA HIS D 172 19.38 27.82 21.07
C HIS D 172 18.49 28.99 21.44
N ASP D 173 18.93 29.88 22.32
CA ASP D 173 18.15 31.03 22.75
C ASP D 173 18.55 32.26 21.96
N GLY D 174 17.57 32.97 21.41
CA GLY D 174 17.85 34.15 20.64
C GLY D 174 18.60 33.87 19.35
N VAL D 175 18.26 32.78 18.67
CA VAL D 175 18.87 32.43 17.40
C VAL D 175 17.77 32.20 16.39
N CYS D 176 17.92 32.76 15.19
CA CYS D 176 16.97 32.58 14.11
C CYS D 176 17.73 32.28 12.82
N THR D 177 17.10 31.52 11.95
CA THR D 177 17.72 31.12 10.69
C THR D 177 16.65 31.03 9.62
N ASP D 178 17.01 31.39 8.40
CA ASP D 178 16.07 31.30 7.31
C ASP D 178 15.69 29.84 7.07
N PRO D 179 14.40 29.51 7.02
CA PRO D 179 14.03 28.11 6.80
C PRO D 179 14.53 27.53 5.49
N GLN D 180 14.61 28.33 4.43
CA GLN D 180 15.06 27.83 3.16
C GLN D 180 16.15 28.72 2.59
N PRO D 181 17.19 28.15 2.01
CA PRO D 181 18.26 28.96 1.42
C PRO D 181 17.77 29.73 0.21
N LEU D 182 18.46 30.83 -0.06
CA LEU D 182 18.11 31.78 -1.11
C LEU D 182 19.05 31.61 -2.30
N LYS D 183 18.47 31.48 -3.49
CA LYS D 183 19.27 31.31 -4.69
C LYS D 183 20.09 32.57 -4.98
N GLU D 184 21.35 32.38 -5.36
CA GLU D 184 22.22 33.51 -5.62
C GLU D 184 22.00 34.10 -7.01
N GLN D 185 21.80 33.27 -8.02
CA GLN D 185 21.55 33.73 -9.39
C GLN D 185 20.27 33.07 -9.88
N PRO D 186 19.11 33.69 -9.64
CA PRO D 186 17.84 33.08 -10.05
C PRO D 186 17.79 32.88 -11.56
N ALA D 187 16.79 32.11 -11.99
CA ALA D 187 16.57 31.76 -13.39
C ALA D 187 17.72 30.95 -13.96
N LEU D 188 18.49 30.27 -13.11
CA LEU D 188 19.54 29.36 -13.53
C LEU D 188 19.41 28.07 -12.76
N ASN D 189 19.40 26.95 -13.47
CA ASN D 189 19.18 25.65 -12.84
C ASN D 189 20.36 25.20 -11.99
N ASP D 190 21.52 25.82 -12.12
CA ASP D 190 22.71 25.45 -11.36
C ASP D 190 23.15 26.57 -10.43
N SER D 191 22.20 27.36 -9.95
CA SER D 191 22.53 28.52 -9.13
C SER D 191 23.09 28.10 -7.79
N ARG D 192 24.12 28.81 -7.33
CA ARG D 192 24.67 28.62 -6.01
C ARG D 192 23.71 29.23 -4.98
N TYR D 193 23.80 28.74 -3.75
CA TYR D 193 22.86 29.15 -2.71
C TYR D 193 23.57 29.92 -1.62
N ALA D 194 22.78 30.75 -0.92
CA ALA D 194 23.28 31.54 0.21
C ALA D 194 22.28 31.45 1.35
N LEU D 195 22.80 31.33 2.58
CA LEU D 195 21.97 31.19 3.77
C LEU D 195 22.46 32.18 4.83
N SER D 196 21.52 32.65 5.65
CA SER D 196 21.83 33.64 6.68
C SER D 196 21.17 33.23 7.98
N SER D 197 21.77 33.70 9.09
CA SER D 197 21.20 33.47 10.41
C SER D 197 21.59 34.64 11.30
N ARG D 198 20.78 34.88 12.32
CA ARG D 198 20.96 36.02 13.20
C ARG D 198 20.91 35.58 14.66
N LEU D 199 21.82 36.13 15.46
CA LEU D 199 21.85 35.90 16.90
C LEU D 199 21.70 37.25 17.59
N ARG D 200 20.79 37.31 18.56
CA ARG D 200 20.58 38.52 19.35
C ARG D 200 20.89 38.23 20.81
N VAL D 201 21.67 39.12 21.43
CA VAL D 201 22.03 39.00 22.84
C VAL D 201 22.03 40.40 23.45
N SER D 202 22.19 40.44 24.76
CA SER D 202 22.24 41.72 25.46
C SER D 202 23.48 42.49 25.07
N ALA D 203 23.38 43.82 25.13
CA ALA D 203 24.51 44.67 24.77
C ALA D 203 25.72 44.38 25.65
N THR D 204 25.48 44.12 26.94
CA THR D 204 26.58 43.81 27.85
C THR D 204 27.32 42.55 27.42
N PHE D 205 26.57 41.53 26.98
CA PHE D 205 27.21 40.28 26.58
C PHE D 205 28.15 40.49 25.41
N TRP D 206 27.72 41.26 24.40
CA TRP D 206 28.59 41.53 23.27
C TRP D 206 29.74 42.45 23.65
N GLN D 207 29.51 43.39 24.57
CA GLN D 207 30.54 44.35 24.95
C GLN D 207 31.67 43.73 25.74
N ASP D 208 31.50 42.52 26.25
CA ASP D 208 32.58 41.86 26.98
C ASP D 208 33.66 41.41 25.99
N PRO D 209 34.92 41.82 26.18
CA PRO D 209 35.98 41.37 25.28
C PRO D 209 36.47 39.95 25.52
N ARG D 210 35.79 39.17 26.35
CA ARG D 210 36.18 37.79 26.63
C ARG D 210 35.04 36.82 26.33
N ASN D 211 34.31 37.09 25.25
CA ASN D 211 33.21 36.23 24.81
C ASN D 211 33.48 35.79 23.38
N HIS D 212 33.29 34.51 23.11
CA HIS D 212 33.59 33.93 21.81
C HIS D 212 32.30 33.56 21.10
N PHE D 213 32.06 34.16 19.94
CA PHE D 213 30.93 33.82 19.09
C PHE D 213 31.43 33.14 17.83
N ARG D 214 30.88 31.96 17.55
CA ARG D 214 31.31 31.18 16.40
C ARG D 214 30.09 30.65 15.67
N CYS D 215 29.93 31.04 14.40
CA CYS D 215 28.89 30.49 13.55
C CYS D 215 29.46 29.32 12.78
N GLN D 216 28.91 28.13 13.00
CA GLN D 216 29.43 26.91 12.41
C GLN D 216 28.40 26.34 11.44
N VAL D 217 28.84 26.07 10.22
CA VAL D 217 27.96 25.56 9.17
C VAL D 217 28.41 24.15 8.81
N GLN D 218 27.55 23.18 9.00
CA GLN D 218 27.83 21.80 8.64
C GLN D 218 27.35 21.57 7.21
N PHE D 219 28.28 21.24 6.32
CA PHE D 219 28.00 21.10 4.90
C PHE D 219 28.07 19.62 4.53
N TYR D 220 27.04 19.15 3.84
CA TYR D 220 26.96 17.76 3.39
C TYR D 220 27.23 17.72 1.89
N GLY D 221 28.39 17.19 1.51
CA GLY D 221 28.78 17.19 0.12
C GLY D 221 29.19 15.83 -0.40
N LEU D 222 30.41 15.74 -0.92
CA LEU D 222 30.89 14.51 -1.54
C LEU D 222 31.46 13.56 -0.50
N SER D 223 31.17 12.28 -0.67
CA SER D 223 31.82 11.27 0.15
C SER D 223 33.28 11.13 -0.26
N GLU D 224 34.08 10.53 0.64
CA GLU D 224 35.51 10.46 0.39
C GLU D 224 35.84 9.59 -0.81
N ASN D 225 35.02 8.59 -1.10
CA ASN D 225 35.33 7.63 -2.15
C ASN D 225 34.85 8.07 -3.53
N ASP D 226 34.25 9.25 -3.64
CA ASP D 226 33.83 9.75 -4.94
C ASP D 226 35.04 10.19 -5.75
N GLU D 227 34.83 10.35 -7.05
CA GLU D 227 35.90 10.59 -8.00
C GLU D 227 36.06 12.09 -8.21
N TRP D 228 37.21 12.63 -7.81
CA TRP D 228 37.52 14.04 -7.96
C TRP D 228 38.70 14.19 -8.89
N THR D 229 38.58 15.08 -9.88
CA THR D 229 39.63 15.29 -10.87
C THR D 229 39.79 16.78 -11.14
N GLN D 230 39.80 17.59 -10.10
CA GLN D 230 39.94 19.04 -10.24
C GLN D 230 41.03 19.53 -9.30
N ASP D 231 41.70 20.60 -9.72
CA ASP D 231 42.72 21.22 -8.87
C ASP D 231 42.12 21.77 -7.59
N ARG D 232 40.85 22.16 -7.62
CA ARG D 232 40.18 22.63 -6.42
C ARG D 232 40.08 21.51 -5.39
N ALA D 233 40.14 21.89 -4.11
CA ALA D 233 40.04 20.91 -3.04
C ALA D 233 38.74 20.14 -3.16
N LYS D 234 38.81 18.84 -2.92
CA LYS D 234 37.65 17.97 -3.07
C LYS D 234 36.55 18.40 -2.11
N PRO D 235 35.36 18.72 -2.60
CA PRO D 235 34.31 19.24 -1.73
C PRO D 235 33.69 18.18 -0.85
N VAL D 236 34.49 17.58 0.03
CA VAL D 236 33.95 16.61 0.96
C VAL D 236 33.08 17.32 2.01
N THR D 237 32.20 16.55 2.62
CA THR D 237 31.43 17.09 3.74
C THR D 237 32.37 17.53 4.84
N GLN D 238 32.10 18.70 5.41
CA GLN D 238 33.05 19.34 6.31
C GLN D 238 32.31 20.34 7.19
N ILE D 239 33.07 21.03 8.03
CA ILE D 239 32.56 22.06 8.92
C ILE D 239 33.30 23.35 8.63
N VAL D 240 32.55 24.41 8.33
CA VAL D 240 33.12 25.72 8.06
C VAL D 240 32.60 26.68 9.11
N SER D 241 33.51 27.44 9.71
CA SER D 241 33.16 28.28 10.85
C SER D 241 33.79 29.66 10.72
N ALA D 242 33.15 30.63 11.36
CA ALA D 242 33.67 31.99 11.47
C ALA D 242 33.56 32.44 12.92
N GLU D 243 34.52 33.25 13.36
CA GLU D 243 34.63 33.63 14.75
C GLU D 243 34.36 35.11 14.94
N ALA D 244 34.14 35.49 16.19
CA ALA D 244 33.95 36.89 16.55
C ALA D 244 34.32 37.08 18.02
N TRP D 245 34.77 38.28 18.36
CA TRP D 245 35.13 38.63 19.72
C TRP D 245 34.46 39.95 20.09
N GLY D 246 34.25 40.13 21.40
CA GLY D 246 33.65 41.35 21.90
C GLY D 246 34.56 42.56 21.77
#